data_7YL4
#
_entry.id   7YL4
#
_cell.length_a   43.219
_cell.length_b   272.930
_cell.length_c   320.332
_cell.angle_alpha   90.000
_cell.angle_beta   90.000
_cell.angle_gamma   90.000
#
_symmetry.space_group_name_H-M   'I 2 2 2'
#
loop_
_entity.id
_entity.type
_entity.pdbx_description
1 polymer 'GRAM_POS_ANCHORING domain-containing protein'
2 non-polymer 'CALCIUM ION'
3 non-polymer 'SULFATE ION'
4 water water
#
_entity_poly.entity_id   1
_entity_poly.type   'polypeptide(L)'
_entity_poly.pdbx_seq_one_letter_code
;MGSSHHHHHHSSGLVPRGSHMPDSFKIQRVYAATSRDITVYPKDFLTYFQRNGSAAGFDYDLATYTQTLTPNKASQAGNV
TLKTKVDMSQNFTFTGKINLGDKAQNAGGADGVGFLFHPGDTNVVGAPGGAAGIGGVNGAFGFKLDTYYNGVGENSFTPD
PSNFKGKPFGAFVDGLNGQAKTIASSAQSISEPSNNNFVDFTMSYNGATKVMSVTYGGQTWTQDVSSFVGTNQAMSFSIA
ASTGAFMNLQQLRNVNFTYTVAQGTVIANYVDEQGNTIAQQETTSGDIDTPYVTSQKTIPGYTFKASNGAATSGNYAAND
QTVNYVYTRNQGSIDVTYIDQTTGQTLSKKDLSGGTGDSSNYTTTDTIKSYTDAGYELVSDNYPSGGTVFTDTAQHYVVN
LKQKLVVSSEQKQVNETIQYVYEDGSKAADDYNAPPLNFTRSVTTNQVTGEKTYGDWQAQNGDSFGEVVSPTIKGETADQ
LKIDAISGITANSADIQKKVVYKRN
;
_entity_poly.pdbx_strand_id   A,B
#
loop_
_chem_comp.id
_chem_comp.type
_chem_comp.name
_chem_comp.formula
CA non-polymer 'CALCIUM ION' 'Ca 2'
SO4 non-polymer 'SULFATE ION' 'O4 S -2'
#
# COMPACT_ATOMS: atom_id res chain seq x y z
N THR A 34 -29.55 -14.23 -2.84
CA THR A 34 -29.14 -13.21 -3.87
C THR A 34 -28.55 -13.95 -5.08
N SER A 35 -28.63 -13.35 -6.29
CA SER A 35 -28.03 -13.86 -7.55
C SER A 35 -26.54 -13.46 -7.61
N ARG A 36 -26.24 -12.20 -7.25
CA ARG A 36 -24.87 -11.61 -7.21
C ARG A 36 -24.16 -12.06 -5.90
N ASP A 37 -23.88 -13.36 -5.76
CA ASP A 37 -23.41 -13.96 -4.48
C ASP A 37 -22.64 -15.25 -4.85
N ILE A 38 -21.32 -15.20 -4.71
CA ILE A 38 -20.43 -16.32 -5.14
C ILE A 38 -19.36 -16.53 -4.08
N THR A 39 -18.57 -17.58 -4.27
CA THR A 39 -17.43 -17.95 -3.42
C THR A 39 -16.19 -18.08 -4.32
N VAL A 40 -15.19 -17.21 -4.09
CA VAL A 40 -13.89 -17.06 -4.84
C VAL A 40 -12.96 -18.19 -4.39
N TYR A 41 -12.70 -19.18 -5.23
CA TYR A 41 -11.95 -20.41 -4.85
C TYR A 41 -10.46 -20.13 -4.99
N PRO A 42 -9.57 -20.89 -4.29
CA PRO A 42 -8.12 -20.73 -4.45
C PRO A 42 -7.70 -20.68 -5.92
N LYS A 43 -8.21 -21.62 -6.72
CA LYS A 43 -7.86 -21.80 -8.17
C LYS A 43 -8.28 -20.58 -9.00
N ASP A 44 -9.21 -19.72 -8.54
CA ASP A 44 -9.69 -18.57 -9.34
C ASP A 44 -9.25 -17.25 -8.72
N PHE A 45 -8.20 -17.26 -7.89
CA PHE A 45 -7.77 -16.09 -7.06
C PHE A 45 -7.55 -14.89 -7.98
N LEU A 46 -6.92 -15.13 -9.15
CA LEU A 46 -6.43 -14.02 -10.02
C LEU A 46 -7.59 -13.46 -10.84
N THR A 47 -8.57 -14.31 -11.16
CA THR A 47 -9.87 -13.93 -11.76
C THR A 47 -10.47 -12.76 -10.98
N TYR A 48 -10.51 -12.81 -9.65
CA TYR A 48 -11.26 -11.81 -8.83
C TYR A 48 -10.35 -10.84 -8.10
N PHE A 49 -9.05 -11.12 -8.08
CA PHE A 49 -8.04 -10.25 -7.39
C PHE A 49 -7.01 -9.81 -8.40
N GLN A 50 -6.60 -8.54 -8.32
CA GLN A 50 -5.57 -7.94 -9.21
C GLN A 50 -4.29 -7.66 -8.42
N ARG A 51 -3.20 -8.32 -8.80
CA ARG A 51 -1.81 -8.09 -8.31
C ARG A 51 -1.32 -6.69 -8.69
N ASN A 52 -1.11 -5.81 -7.71
CA ASN A 52 -0.57 -4.43 -7.91
C ASN A 52 0.81 -4.28 -7.23
N GLY A 53 1.58 -3.25 -7.63
CA GLY A 53 2.98 -3.03 -7.19
C GLY A 53 3.79 -4.32 -7.05
N SER A 54 4.37 -4.54 -5.87
CA SER A 54 5.34 -5.64 -5.64
C SER A 54 4.75 -6.96 -6.16
N ALA A 55 3.45 -7.19 -5.98
CA ALA A 55 2.89 -8.54 -6.15
C ALA A 55 2.90 -8.91 -7.63
N ALA A 56 3.03 -7.91 -8.51
CA ALA A 56 2.92 -8.08 -9.98
C ALA A 56 4.22 -8.64 -10.57
N GLY A 57 5.26 -8.83 -9.74
CA GLY A 57 6.50 -9.53 -10.12
C GLY A 57 6.40 -11.04 -9.90
N PHE A 58 5.31 -11.52 -9.30
CA PHE A 58 5.20 -12.94 -8.86
C PHE A 58 3.94 -13.54 -9.43
N ASP A 59 4.04 -14.79 -9.84
CA ASP A 59 2.94 -15.58 -10.43
C ASP A 59 2.31 -16.39 -9.31
N TYR A 60 0.99 -16.36 -9.16
CA TYR A 60 0.24 -17.18 -8.18
C TYR A 60 0.66 -18.64 -8.39
N ASP A 61 1.43 -19.22 -7.48
CA ASP A 61 1.87 -20.63 -7.59
C ASP A 61 0.60 -21.49 -7.48
N LEU A 62 0.28 -22.22 -8.53
CA LEU A 62 -0.97 -23.02 -8.58
C LEU A 62 -0.70 -24.46 -8.12
N ALA A 63 0.25 -24.65 -7.21
CA ALA A 63 0.48 -25.95 -6.53
C ALA A 63 0.30 -25.76 -5.01
N THR A 64 0.71 -24.59 -4.51
CA THR A 64 0.60 -24.18 -3.09
C THR A 64 -0.56 -23.21 -2.94
N TYR A 65 -0.97 -22.55 -4.03
CA TYR A 65 -2.01 -21.49 -4.01
C TYR A 65 -1.45 -20.34 -3.16
N THR A 66 -0.26 -19.88 -3.54
CA THR A 66 0.52 -18.88 -2.78
C THR A 66 0.69 -17.62 -3.62
N GLN A 67 0.45 -16.46 -3.04
CA GLN A 67 0.68 -15.17 -3.73
C GLN A 67 1.58 -14.29 -2.87
N THR A 68 2.74 -13.94 -3.41
CA THR A 68 3.70 -13.07 -2.72
C THR A 68 3.16 -11.63 -2.79
N LEU A 69 3.02 -10.99 -1.65
CA LEU A 69 2.69 -9.56 -1.64
C LEU A 69 3.97 -8.75 -1.74
N THR A 70 4.88 -8.96 -0.79
CA THR A 70 6.23 -8.34 -0.79
C THR A 70 7.26 -9.44 -0.64
N PRO A 71 8.42 -9.34 -1.32
CA PRO A 71 9.55 -10.24 -1.07
C PRO A 71 10.36 -9.73 0.14
N ASN A 72 11.46 -10.42 0.47
CA ASN A 72 12.29 -10.07 1.65
C ASN A 72 13.26 -8.94 1.31
N LYS A 73 12.73 -7.79 0.88
CA LYS A 73 13.51 -6.71 0.22
C LYS A 73 13.03 -5.39 0.79
N ALA A 74 13.83 -4.33 0.69
CA ALA A 74 13.57 -3.01 1.31
C ALA A 74 12.56 -2.20 0.48
N SER A 75 11.92 -1.20 1.08
CA SER A 75 11.02 -0.25 0.38
C SER A 75 10.17 -0.99 -0.66
N GLN A 76 9.32 -1.92 -0.24
CA GLN A 76 8.37 -2.66 -1.12
C GLN A 76 6.94 -2.17 -0.81
N ALA A 77 6.00 -2.43 -1.73
CA ALA A 77 4.57 -2.07 -1.64
C ALA A 77 3.84 -2.84 -2.74
N GLY A 78 3.11 -3.86 -2.34
CA GLY A 78 2.41 -4.76 -3.25
C GLY A 78 1.09 -5.11 -2.59
N ASN A 79 -0.02 -5.13 -3.36
CA ASN A 79 -1.38 -5.41 -2.82
C ASN A 79 -2.11 -6.38 -3.75
N VAL A 80 -3.22 -6.92 -3.28
CA VAL A 80 -4.28 -7.52 -4.16
C VAL A 80 -5.52 -6.65 -3.94
N THR A 81 -6.01 -5.96 -4.98
CA THR A 81 -7.33 -5.27 -4.98
C THR A 81 -8.37 -6.27 -5.54
N LEU A 82 -9.50 -6.38 -4.84
CA LEU A 82 -10.69 -7.09 -5.36
C LEU A 82 -11.19 -6.34 -6.62
N LYS A 83 -11.39 -7.09 -7.71
CA LYS A 83 -11.80 -6.53 -9.03
C LYS A 83 -13.21 -5.91 -8.86
N THR A 84 -14.14 -6.67 -8.28
CA THR A 84 -15.56 -6.24 -8.03
C THR A 84 -15.64 -5.28 -6.83
N LYS A 85 -16.80 -5.21 -6.18
CA LYS A 85 -16.96 -4.50 -4.88
C LYS A 85 -17.70 -5.45 -3.94
N VAL A 86 -17.95 -5.05 -2.71
CA VAL A 86 -18.56 -5.99 -1.73
C VAL A 86 -19.87 -5.36 -1.27
N ASP A 87 -20.96 -6.13 -1.24
CA ASP A 87 -22.24 -5.64 -0.67
C ASP A 87 -22.07 -5.63 0.86
N MET A 88 -21.82 -4.46 1.46
CA MET A 88 -21.65 -4.24 2.94
C MET A 88 -23.04 -4.17 3.62
N SER A 89 -23.91 -5.11 3.23
CA SER A 89 -25.25 -5.31 3.82
C SER A 89 -25.59 -6.80 3.77
N GLN A 90 -24.70 -7.63 3.20
CA GLN A 90 -24.81 -9.11 3.19
C GLN A 90 -23.67 -9.71 4.03
N ASN A 91 -23.67 -11.04 4.15
CA ASN A 91 -22.75 -11.81 5.03
C ASN A 91 -21.59 -12.37 4.19
N PHE A 92 -20.34 -11.93 4.49
CA PHE A 92 -19.08 -12.38 3.84
C PHE A 92 -18.13 -13.07 4.87
N THR A 93 -17.49 -14.13 4.39
CA THR A 93 -16.52 -15.01 5.13
C THR A 93 -15.23 -15.10 4.29
N PHE A 94 -14.15 -14.44 4.75
CA PHE A 94 -12.77 -14.51 4.18
C PHE A 94 -11.90 -15.51 4.95
N THR A 95 -11.32 -16.47 4.24
CA THR A 95 -10.52 -17.59 4.79
C THR A 95 -9.16 -17.60 4.08
N GLY A 96 -8.09 -18.00 4.77
CA GLY A 96 -6.75 -18.11 4.18
C GLY A 96 -5.66 -18.18 5.24
N LYS A 97 -4.43 -18.41 4.77
CA LYS A 97 -3.22 -18.42 5.64
C LYS A 97 -2.33 -17.26 5.19
N ILE A 98 -1.77 -16.53 6.17
CA ILE A 98 -0.80 -15.43 5.95
C ILE A 98 0.56 -15.79 6.54
N ASN A 99 1.62 -15.68 5.73
CA ASN A 99 3.04 -15.64 6.17
C ASN A 99 3.48 -14.18 6.39
N LEU A 100 3.70 -13.76 7.62
CA LEU A 100 4.16 -12.38 7.96
C LEU A 100 5.68 -12.23 7.90
N GLY A 101 6.40 -13.33 7.58
CA GLY A 101 7.87 -13.37 7.35
C GLY A 101 8.71 -14.32 8.24
N ASP A 102 9.98 -13.95 8.50
CA ASP A 102 10.99 -14.69 9.33
C ASP A 102 11.72 -13.81 10.37
N LYS A 103 11.33 -12.55 10.58
CA LYS A 103 12.04 -11.57 11.44
C LYS A 103 11.03 -10.78 12.26
N ALA A 104 11.33 -10.55 13.51
CA ALA A 104 10.56 -9.62 14.34
C ALA A 104 11.16 -8.23 14.15
N GLN A 105 10.55 -7.24 14.77
CA GLN A 105 10.90 -5.81 14.57
C GLN A 105 12.32 -5.59 15.07
N ASN A 106 12.62 -6.07 16.28
CA ASN A 106 13.98 -6.09 16.88
C ASN A 106 15.00 -6.69 15.90
N ALA A 107 14.65 -7.69 15.06
CA ALA A 107 15.53 -8.41 14.11
C ALA A 107 15.54 -7.80 12.70
N GLY A 108 14.95 -6.61 12.52
CA GLY A 108 14.84 -5.91 11.22
C GLY A 108 13.73 -6.49 10.38
N GLY A 109 12.54 -6.65 10.96
CA GLY A 109 11.31 -7.17 10.31
C GLY A 109 10.19 -6.13 10.26
N ALA A 110 9.45 -6.08 9.15
CA ALA A 110 8.46 -5.02 8.81
C ALA A 110 7.77 -5.39 7.50
N ASP A 111 6.59 -4.79 7.19
CA ASP A 111 5.88 -3.80 8.01
C ASP A 111 4.55 -4.40 8.51
N GLY A 112 4.05 -5.47 7.86
CA GLY A 112 2.77 -6.13 8.19
C GLY A 112 1.77 -6.19 7.03
N VAL A 113 0.55 -6.69 7.30
CA VAL A 113 -0.49 -6.94 6.28
C VAL A 113 -1.73 -6.12 6.65
N GLY A 114 -2.19 -5.24 5.75
CA GLY A 114 -3.37 -4.36 5.92
C GLY A 114 -4.56 -4.82 5.09
N PHE A 115 -5.75 -4.99 5.69
CA PHE A 115 -7.03 -5.27 5.00
C PHE A 115 -7.78 -3.94 4.88
N LEU A 116 -8.10 -3.55 3.63
CA LEU A 116 -8.73 -2.24 3.29
C LEU A 116 -10.19 -2.44 2.89
N PHE A 117 -11.02 -1.59 3.47
CA PHE A 117 -12.43 -1.41 3.08
C PHE A 117 -12.60 0.11 2.94
N HIS A 118 -13.00 0.55 1.74
CA HIS A 118 -13.32 1.97 1.42
C HIS A 118 -14.42 1.99 0.36
N PRO A 119 -15.18 3.11 0.27
CA PRO A 119 -16.24 3.25 -0.73
C PRO A 119 -15.74 3.69 -2.12
N GLY A 120 -14.51 4.22 -2.21
CA GLY A 120 -13.88 4.75 -3.43
C GLY A 120 -13.61 3.70 -4.52
N ASP A 121 -12.60 3.97 -5.36
CA ASP A 121 -12.31 3.24 -6.61
C ASP A 121 -11.79 1.83 -6.26
N THR A 122 -12.15 0.78 -7.01
CA THR A 122 -11.63 -0.61 -6.83
C THR A 122 -10.10 -0.66 -7.03
N ASN A 123 -9.49 0.44 -7.42
CA ASN A 123 -8.05 0.47 -7.78
C ASN A 123 -7.32 1.28 -6.74
N VAL A 124 -8.02 2.12 -5.96
CA VAL A 124 -7.36 2.95 -4.90
C VAL A 124 -7.03 2.00 -3.75
N VAL A 125 -5.76 2.07 -3.30
CA VAL A 125 -5.19 1.29 -2.16
C VAL A 125 -4.56 2.29 -1.19
N GLY A 126 -4.28 1.84 0.02
CA GLY A 126 -3.81 2.75 1.09
C GLY A 126 -2.31 2.95 1.06
N ALA A 127 -1.84 4.01 1.69
CA ALA A 127 -0.41 4.33 1.91
C ALA A 127 0.30 3.22 2.71
N PRO A 128 1.61 2.95 2.43
CA PRO A 128 2.38 1.94 3.15
C PRO A 128 3.00 2.46 4.44
N GLY A 129 3.62 1.55 5.21
CA GLY A 129 4.28 1.83 6.50
C GLY A 129 3.29 1.86 7.66
N GLY A 130 3.31 2.96 8.43
CA GLY A 130 2.41 3.19 9.58
C GLY A 130 0.93 3.20 9.17
N ALA A 131 0.62 3.63 7.96
CA ALA A 131 -0.77 3.59 7.46
C ALA A 131 -1.20 2.15 7.14
N ALA A 132 -0.28 1.19 7.05
CA ALA A 132 -0.57 -0.24 6.90
C ALA A 132 -1.64 -0.57 5.83
N GLY A 133 -1.65 0.11 4.69
CA GLY A 133 -2.52 -0.24 3.54
C GLY A 133 -3.96 0.22 3.73
N ILE A 134 -4.20 1.15 4.68
CA ILE A 134 -5.52 1.73 5.07
C ILE A 134 -5.44 3.26 5.06
N GLY A 135 -4.51 3.89 5.79
CA GLY A 135 -4.35 5.36 5.84
C GLY A 135 -4.29 5.98 4.45
N GLY A 136 -4.62 7.28 4.33
CA GLY A 136 -4.53 8.07 3.08
C GLY A 136 -5.61 7.76 2.04
N VAL A 137 -6.57 6.88 2.34
CA VAL A 137 -7.86 6.76 1.59
C VAL A 137 -8.95 7.35 2.51
N ASN A 138 -10.03 7.86 1.90
CA ASN A 138 -11.23 8.44 2.57
C ASN A 138 -12.30 7.34 2.65
N GLY A 139 -13.04 7.32 3.76
CA GLY A 139 -14.07 6.30 4.08
C GLY A 139 -13.45 4.92 4.20
N ALA A 140 -12.23 4.88 4.73
CA ALA A 140 -11.45 3.62 4.81
C ALA A 140 -11.55 3.08 6.21
N PHE A 141 -11.63 1.77 6.30
CA PHE A 141 -11.56 1.07 7.60
C PHE A 141 -10.99 -0.32 7.31
N GLY A 142 -10.40 -0.98 8.33
CA GLY A 142 -10.11 -2.42 8.27
C GLY A 142 -9.20 -2.92 9.37
N PHE A 143 -8.58 -4.07 9.10
CA PHE A 143 -7.80 -4.89 10.05
C PHE A 143 -6.36 -5.05 9.55
N LYS A 144 -5.41 -4.66 10.41
CA LYS A 144 -3.93 -4.77 10.15
C LYS A 144 -3.32 -5.83 11.09
N LEU A 145 -2.24 -6.43 10.63
CA LEU A 145 -1.27 -7.15 11.48
C LEU A 145 0.01 -6.33 11.44
N ASP A 146 0.18 -5.33 12.33
CA ASP A 146 1.33 -4.40 12.30
C ASP A 146 2.57 -5.08 12.92
N THR A 147 3.50 -5.54 12.08
CA THR A 147 4.77 -6.18 12.49
C THR A 147 5.88 -5.15 12.59
N TYR A 148 5.52 -3.90 12.94
CA TYR A 148 6.46 -2.77 13.12
C TYR A 148 5.74 -1.63 13.86
N TYR A 149 6.29 -1.20 15.00
CA TYR A 149 5.62 -0.22 15.87
C TYR A 149 6.01 1.16 15.41
N ASN A 150 5.06 1.86 14.79
CA ASN A 150 5.27 3.26 14.34
C ASN A 150 4.85 4.17 15.50
N GLY A 151 5.83 4.78 16.16
CA GLY A 151 5.58 5.64 17.33
C GLY A 151 5.45 7.09 16.93
N VAL A 152 6.19 7.48 15.87
CA VAL A 152 6.24 8.85 15.26
C VAL A 152 5.16 8.93 14.17
N GLY A 153 4.23 9.87 14.31
CA GLY A 153 3.03 9.99 13.46
C GLY A 153 3.24 10.92 12.27
N GLU A 154 2.82 10.47 11.10
CA GLU A 154 2.77 11.30 9.86
C GLU A 154 1.39 11.98 9.80
N ASN A 155 1.10 12.62 8.67
CA ASN A 155 -0.24 13.15 8.35
C ASN A 155 -1.11 11.96 7.86
N SER A 156 -0.55 10.77 7.58
CA SER A 156 -1.32 9.61 7.02
C SER A 156 -1.61 8.52 8.08
N PHE A 157 -1.00 8.58 9.28
CA PHE A 157 -1.27 7.58 10.36
C PHE A 157 -0.95 8.23 11.72
N THR A 158 -1.81 7.97 12.71
CA THR A 158 -1.59 8.35 14.13
C THR A 158 -0.73 7.28 14.74
N PRO A 159 0.23 7.67 15.63
CA PRO A 159 1.13 6.73 16.29
C PRO A 159 0.46 5.42 16.72
N ASP A 160 1.13 4.27 16.60
CA ASP A 160 0.56 2.98 17.09
C ASP A 160 0.36 3.05 18.60
N PRO A 161 -0.54 2.23 19.18
CA PRO A 161 -0.83 2.28 20.61
C PRO A 161 0.43 2.13 21.48
N SER A 162 0.64 3.00 22.48
CA SER A 162 1.83 3.01 23.39
C SER A 162 2.04 1.65 24.10
N ASN A 163 0.95 0.96 24.43
CA ASN A 163 0.92 -0.36 25.12
C ASN A 163 1.40 -1.48 24.19
N PHE A 164 2.19 -1.18 23.16
CA PHE A 164 2.67 -2.19 22.19
C PHE A 164 4.03 -1.85 21.58
N LYS A 165 4.84 -1.05 22.30
CA LYS A 165 6.18 -0.54 21.85
C LYS A 165 7.12 -1.72 21.55
N GLY A 166 7.54 -1.86 20.29
CA GLY A 166 8.42 -2.94 19.80
C GLY A 166 7.69 -4.29 19.69
N LYS A 167 6.36 -4.33 19.87
CA LYS A 167 5.63 -5.61 19.92
C LYS A 167 4.68 -5.73 18.71
N PRO A 168 4.57 -6.93 18.11
CA PRO A 168 3.59 -7.17 17.04
C PRO A 168 2.15 -7.23 17.57
N PHE A 169 1.16 -6.75 16.79
CA PHE A 169 -0.27 -6.66 17.16
C PHE A 169 -1.17 -6.64 15.92
N GLY A 170 -2.39 -7.07 16.17
CA GLY A 170 -3.52 -7.09 15.21
C GLY A 170 -4.60 -6.19 15.74
N ALA A 171 -5.15 -5.33 14.90
CA ALA A 171 -6.02 -4.21 15.33
C ALA A 171 -6.93 -3.80 14.16
N PHE A 172 -8.08 -3.23 14.50
CA PHE A 172 -8.99 -2.55 13.55
C PHE A 172 -8.50 -1.10 13.44
N VAL A 173 -8.79 -0.48 12.29
CA VAL A 173 -8.32 0.92 11.99
C VAL A 173 -9.47 1.77 11.49
N ASP A 174 -9.49 3.02 11.95
CA ASP A 174 -10.44 4.07 11.51
C ASP A 174 -9.73 4.93 10.48
N GLY A 175 -10.02 4.73 9.19
CA GLY A 175 -9.34 5.47 8.10
C GLY A 175 -10.26 6.43 7.39
N LEU A 176 -11.39 6.76 8.01
CA LEU A 176 -12.47 7.58 7.40
C LEU A 176 -11.92 8.96 7.08
N ASN A 177 -11.26 9.62 8.04
CA ASN A 177 -10.76 11.00 7.86
C ASN A 177 -9.39 10.98 7.17
N GLY A 178 -9.11 9.93 6.37
CA GLY A 178 -7.84 9.77 5.62
C GLY A 178 -6.71 9.22 6.49
N GLN A 179 -6.41 9.89 7.62
CA GLN A 179 -5.48 9.47 8.71
C GLN A 179 -5.93 8.11 9.26
N ALA A 180 -5.12 7.06 9.08
CA ALA A 180 -5.36 5.75 9.72
C ALA A 180 -5.10 5.90 11.22
N LYS A 181 -6.15 5.69 12.02
CA LYS A 181 -6.13 5.68 13.50
C LYS A 181 -6.45 4.24 13.92
N THR A 182 -5.56 3.67 14.72
CA THR A 182 -5.70 2.30 15.27
C THR A 182 -6.75 2.30 16.36
N ILE A 183 -7.69 1.35 16.32
CA ILE A 183 -8.67 1.22 17.45
C ILE A 183 -7.94 0.53 18.60
N ALA A 184 -7.55 1.29 19.65
CA ALA A 184 -6.74 0.80 20.81
C ALA A 184 -7.49 -0.31 21.59
N SER A 185 -8.82 -0.40 21.48
CA SER A 185 -9.69 -1.48 22.01
C SER A 185 -9.39 -2.84 21.35
N SER A 186 -9.10 -2.88 20.04
CA SER A 186 -8.95 -4.12 19.24
C SER A 186 -7.50 -4.65 19.31
N ALA A 187 -6.58 -3.83 19.84
CA ALA A 187 -5.12 -4.11 19.90
C ALA A 187 -4.84 -5.33 20.79
N GLN A 188 -4.77 -6.51 20.17
CA GLN A 188 -4.34 -7.79 20.80
C GLN A 188 -3.00 -8.24 20.16
N SER A 189 -2.02 -8.68 20.95
CA SER A 189 -0.71 -9.18 20.43
C SER A 189 -0.87 -10.44 19.55
N ILE A 190 0.01 -10.59 18.57
CA ILE A 190 0.05 -11.74 17.61
C ILE A 190 1.46 -12.36 17.72
N SER A 191 1.60 -13.58 17.23
CA SER A 191 2.89 -14.30 17.13
C SER A 191 3.80 -13.56 16.15
N GLU A 192 5.05 -13.33 16.56
CA GLU A 192 6.10 -12.69 15.74
C GLU A 192 6.21 -13.47 14.43
N PRO A 193 6.45 -12.78 13.30
CA PRO A 193 6.86 -13.47 12.08
C PRO A 193 8.04 -14.40 12.38
N SER A 194 8.00 -15.63 11.86
CA SER A 194 8.96 -16.70 12.24
C SER A 194 9.04 -17.77 11.17
N ASN A 195 10.22 -17.92 10.58
CA ASN A 195 10.52 -19.05 9.66
C ASN A 195 9.56 -19.08 8.46
N ASN A 196 8.93 -17.94 8.12
CA ASN A 196 8.11 -17.77 6.88
C ASN A 196 6.95 -18.77 6.96
N ASN A 197 6.29 -18.73 8.12
CA ASN A 197 5.24 -19.71 8.50
C ASN A 197 3.88 -19.07 8.23
N PHE A 198 2.98 -19.86 7.65
CA PHE A 198 1.60 -19.45 7.35
C PHE A 198 0.69 -19.74 8.55
N VAL A 199 0.07 -18.70 9.10
CA VAL A 199 -0.96 -18.80 10.17
C VAL A 199 -2.36 -18.59 9.57
N ASP A 200 -3.35 -19.33 10.08
CA ASP A 200 -4.77 -19.27 9.67
C ASP A 200 -5.35 -17.89 9.96
N PHE A 201 -6.06 -17.33 8.96
CA PHE A 201 -6.76 -16.02 9.01
C PHE A 201 -8.21 -16.17 8.52
N THR A 202 -9.15 -15.75 9.36
CA THR A 202 -10.59 -15.74 9.05
C THR A 202 -11.12 -14.35 9.40
N MET A 203 -11.70 -13.68 8.40
CA MET A 203 -12.46 -12.42 8.56
C MET A 203 -13.91 -12.68 8.14
N SER A 204 -14.84 -12.63 9.10
CA SER A 204 -16.29 -12.83 8.88
C SER A 204 -17.03 -11.55 9.28
N TYR A 205 -18.12 -11.26 8.58
CA TYR A 205 -18.92 -10.00 8.70
C TYR A 205 -20.43 -10.33 8.70
N ASN A 206 -21.20 -9.73 9.62
CA ASN A 206 -22.69 -9.78 9.69
C ASN A 206 -23.32 -8.49 9.11
N GLY A 207 -24.16 -8.62 8.07
CA GLY A 207 -24.70 -7.50 7.27
C GLY A 207 -25.57 -6.54 8.06
N ALA A 208 -26.51 -7.09 8.85
CA ALA A 208 -27.51 -6.31 9.62
C ALA A 208 -26.88 -5.74 10.89
N THR A 209 -26.06 -6.55 11.59
CA THR A 209 -25.32 -6.15 12.82
C THR A 209 -24.23 -5.16 12.42
N LYS A 210 -23.66 -5.34 11.21
CA LYS A 210 -22.47 -4.61 10.68
C LYS A 210 -21.28 -4.94 11.59
N VAL A 211 -21.14 -6.21 11.95
CA VAL A 211 -20.14 -6.66 12.98
C VAL A 211 -19.16 -7.59 12.29
N MET A 212 -17.86 -7.30 12.41
CA MET A 212 -16.76 -8.06 11.76
C MET A 212 -16.04 -8.87 12.84
N SER A 213 -15.81 -10.16 12.54
CA SER A 213 -15.12 -11.16 13.41
C SER A 213 -13.86 -11.62 12.67
N VAL A 214 -12.68 -11.17 13.11
CA VAL A 214 -11.38 -11.59 12.50
C VAL A 214 -10.65 -12.53 13.47
N THR A 215 -10.26 -13.71 12.99
CA THR A 215 -9.44 -14.71 13.75
C THR A 215 -8.10 -15.00 13.03
N TYR A 216 -7.00 -14.57 13.64
CA TYR A 216 -5.62 -14.89 13.19
C TYR A 216 -4.94 -15.77 14.24
N GLY A 217 -4.84 -17.06 13.92
CA GLY A 217 -4.13 -18.10 14.71
C GLY A 217 -4.32 -17.97 16.21
N GLY A 218 -5.55 -18.18 16.71
CA GLY A 218 -5.81 -18.30 18.17
C GLY A 218 -6.30 -17.01 18.82
N GLN A 219 -5.82 -15.83 18.39
CA GLN A 219 -6.39 -14.52 18.86
C GLN A 219 -7.68 -14.26 18.05
N THR A 220 -8.70 -13.64 18.66
CA THR A 220 -10.01 -13.35 18.03
C THR A 220 -10.41 -11.88 18.29
N TRP A 221 -10.85 -11.19 17.23
CA TRP A 221 -11.27 -9.76 17.28
C TRP A 221 -12.75 -9.67 16.89
N THR A 222 -13.43 -8.64 17.38
CA THR A 222 -14.82 -8.32 16.99
C THR A 222 -15.00 -6.80 17.06
N GLN A 223 -15.57 -6.22 15.99
CA GLN A 223 -15.84 -4.77 15.92
C GLN A 223 -17.09 -4.51 15.10
N ASP A 224 -17.85 -3.49 15.54
CA ASP A 224 -19.07 -2.92 14.90
C ASP A 224 -18.63 -1.86 13.91
N VAL A 225 -18.69 -2.23 12.63
CA VAL A 225 -18.24 -1.39 11.48
C VAL A 225 -19.41 -0.55 10.95
N SER A 226 -20.56 -0.52 11.65
CA SER A 226 -21.75 0.29 11.28
C SER A 226 -21.33 1.75 11.18
N SER A 227 -20.44 2.22 12.07
CA SER A 227 -19.93 3.63 12.10
C SER A 227 -19.11 3.90 10.83
N PHE A 228 -18.54 2.85 10.26
CA PHE A 228 -17.54 2.88 9.16
C PHE A 228 -18.23 2.69 7.80
N VAL A 229 -19.33 1.93 7.72
CA VAL A 229 -20.15 1.80 6.46
C VAL A 229 -21.17 2.95 6.45
N GLY A 230 -20.70 4.20 6.70
CA GLY A 230 -21.47 5.44 6.90
C GLY A 230 -22.87 5.44 6.31
N THR A 231 -23.04 5.21 4.99
CA THR A 231 -24.35 5.05 4.27
C THR A 231 -24.26 4.05 3.10
N ASN A 232 -23.04 3.78 2.60
CA ASN A 232 -22.74 3.21 1.26
C ASN A 232 -22.65 1.70 1.38
N GLN A 233 -23.71 0.98 1.05
CA GLN A 233 -23.78 -0.51 1.18
C GLN A 233 -22.85 -1.23 0.18
N ALA A 234 -21.82 -0.58 -0.36
CA ALA A 234 -20.87 -1.23 -1.28
C ALA A 234 -19.49 -0.64 -1.01
N MET A 235 -18.50 -1.50 -0.69
CA MET A 235 -17.12 -1.06 -0.31
C MET A 235 -16.09 -1.78 -1.21
N SER A 236 -15.02 -1.05 -1.56
CA SER A 236 -13.82 -1.58 -2.27
C SER A 236 -12.95 -2.37 -1.28
N PHE A 237 -12.29 -3.45 -1.77
CA PHE A 237 -11.48 -4.38 -0.95
C PHE A 237 -10.05 -4.42 -1.47
N SER A 238 -9.09 -4.30 -0.55
CA SER A 238 -7.64 -4.41 -0.82
C SER A 238 -6.96 -5.17 0.33
N ILE A 239 -6.20 -6.22 0.04
CA ILE A 239 -5.22 -6.82 0.99
C ILE A 239 -3.81 -6.36 0.56
N ALA A 240 -3.10 -5.61 1.42
CA ALA A 240 -1.81 -4.92 1.13
C ALA A 240 -0.70 -5.36 2.09
N ALA A 241 0.55 -5.17 1.66
CA ALA A 241 1.77 -5.47 2.43
C ALA A 241 2.84 -4.43 2.06
N SER A 242 3.67 -4.11 3.03
CA SER A 242 4.60 -2.96 2.97
C SER A 242 5.92 -3.34 3.69
N THR A 243 7.07 -3.04 3.06
CA THR A 243 8.40 -3.03 3.74
C THR A 243 8.98 -1.61 3.69
N GLY A 244 9.93 -1.33 4.56
CA GLY A 244 10.73 -0.08 4.59
C GLY A 244 12.23 -0.36 4.70
N ALA A 245 12.90 0.26 5.67
CA ALA A 245 14.29 -0.09 6.01
C ALA A 245 14.32 -1.60 6.43
N PHE A 246 13.38 -2.00 7.32
CA PHE A 246 13.22 -3.41 7.75
C PHE A 246 12.24 -4.09 6.80
N MET A 247 12.17 -5.41 6.82
CA MET A 247 11.61 -6.14 5.67
C MET A 247 11.20 -7.53 6.11
N ASN A 248 10.31 -8.17 5.34
CA ASN A 248 9.79 -9.53 5.59
C ASN A 248 9.16 -10.05 4.31
N LEU A 249 9.37 -11.33 3.97
CA LEU A 249 8.62 -12.02 2.91
C LEU A 249 7.21 -12.14 3.44
N GLN A 250 6.26 -11.44 2.80
CA GLN A 250 4.82 -11.37 3.20
C GLN A 250 3.97 -12.02 2.09
N GLN A 251 3.27 -13.11 2.37
CA GLN A 251 2.52 -13.90 1.36
C GLN A 251 1.12 -14.30 1.87
N LEU A 252 0.24 -14.74 0.96
CA LEU A 252 -1.11 -15.28 1.22
C LEU A 252 -1.25 -16.68 0.62
N ARG A 253 -1.99 -17.56 1.28
CA ARG A 253 -2.12 -18.95 0.80
C ARG A 253 -3.53 -19.47 1.04
N ASN A 254 -4.05 -20.30 0.11
CA ASN A 254 -5.36 -21.00 0.16
C ASN A 254 -6.49 -20.01 0.50
N VAL A 255 -6.72 -19.03 -0.38
CA VAL A 255 -7.71 -17.92 -0.20
C VAL A 255 -9.11 -18.43 -0.61
N ASN A 256 -10.10 -18.21 0.28
CA ASN A 256 -11.56 -18.56 0.17
C ASN A 256 -12.37 -17.32 0.63
N PHE A 257 -13.09 -16.66 -0.31
CA PHE A 257 -13.84 -15.41 -0.05
C PHE A 257 -15.29 -15.58 -0.52
N THR A 258 -16.19 -16.03 0.35
CA THR A 258 -17.65 -16.05 0.08
C THR A 258 -18.20 -14.66 0.45
N TYR A 259 -18.79 -13.97 -0.53
CA TYR A 259 -19.35 -12.59 -0.43
C TYR A 259 -20.47 -12.39 -1.45
N THR A 260 -21.23 -11.31 -1.26
CA THR A 260 -22.24 -10.80 -2.23
C THR A 260 -21.58 -9.64 -3.00
N VAL A 261 -21.34 -9.89 -4.30
CA VAL A 261 -20.86 -8.90 -5.31
C VAL A 261 -21.82 -7.70 -5.30
N ALA A 262 -21.32 -6.49 -5.03
CA ALA A 262 -22.16 -5.26 -4.97
C ALA A 262 -22.65 -4.96 -6.38
N GLN A 263 -23.64 -4.08 -6.48
CA GLN A 263 -24.21 -3.70 -7.78
C GLN A 263 -23.43 -2.45 -8.22
N GLY A 264 -23.17 -2.34 -9.52
CA GLY A 264 -22.77 -1.08 -10.17
C GLY A 264 -23.88 -0.03 -10.11
N THR A 265 -23.50 1.21 -10.30
CA THR A 265 -24.35 2.40 -10.12
C THR A 265 -24.03 3.33 -11.28
N VAL A 266 -24.98 3.54 -12.22
CA VAL A 266 -24.86 4.64 -13.23
C VAL A 266 -25.51 5.92 -12.69
N ILE A 267 -24.86 7.07 -12.85
CA ILE A 267 -25.41 8.39 -12.43
C ILE A 267 -25.61 9.15 -13.73
N ALA A 268 -26.61 10.03 -13.79
CA ALA A 268 -27.07 10.73 -15.00
C ALA A 268 -27.43 12.16 -14.61
N ASN A 269 -26.72 13.16 -15.15
CA ASN A 269 -26.91 14.58 -14.76
C ASN A 269 -27.55 15.35 -15.91
N TYR A 270 -28.32 16.36 -15.57
CA TYR A 270 -29.00 17.14 -16.62
C TYR A 270 -28.62 18.57 -16.31
N VAL A 271 -27.76 19.13 -17.16
CA VAL A 271 -27.06 20.40 -16.84
C VAL A 271 -27.08 21.28 -18.06
N ASP A 272 -26.93 22.58 -17.85
CA ASP A 272 -26.75 23.55 -18.94
C ASP A 272 -25.30 23.48 -19.42
N GLU A 273 -24.95 24.34 -20.37
CA GLU A 273 -23.58 24.41 -20.93
C GLU A 273 -22.65 24.88 -19.81
N GLN A 274 -23.06 25.87 -19.01
CA GLN A 274 -22.24 26.47 -17.90
C GLN A 274 -22.35 25.68 -16.59
N GLY A 275 -22.34 24.34 -16.61
CA GLY A 275 -22.33 23.47 -15.40
C GLY A 275 -23.66 23.39 -14.64
N ASN A 276 -24.20 24.52 -14.14
CA ASN A 276 -25.50 24.63 -13.42
C ASN A 276 -26.44 23.49 -13.83
N THR A 277 -26.96 22.76 -12.84
CA THR A 277 -27.91 21.63 -13.04
C THR A 277 -29.29 22.25 -13.32
N ILE A 278 -30.07 21.61 -14.19
CA ILE A 278 -31.39 22.12 -14.68
C ILE A 278 -32.48 21.08 -14.44
N ALA A 279 -32.14 19.79 -14.20
CA ALA A 279 -33.09 18.72 -13.83
C ALA A 279 -32.42 17.81 -12.80
N GLN A 280 -33.24 17.17 -11.96
CA GLN A 280 -32.78 16.23 -10.90
C GLN A 280 -31.93 15.11 -11.51
N GLN A 281 -30.76 14.86 -10.91
CA GLN A 281 -29.82 13.80 -11.32
C GLN A 281 -30.48 12.42 -11.11
N GLU A 282 -30.33 11.47 -12.04
CA GLU A 282 -31.13 10.20 -12.07
C GLU A 282 -30.24 9.00 -11.80
N THR A 283 -30.03 8.70 -10.53
CA THR A 283 -29.10 7.64 -10.10
C THR A 283 -29.79 6.29 -10.21
N THR A 284 -29.36 5.46 -11.14
CA THR A 284 -29.84 4.06 -11.24
C THR A 284 -28.81 3.14 -10.54
N SER A 285 -28.93 1.82 -10.69
CA SER A 285 -28.14 0.79 -9.97
C SER A 285 -28.49 -0.59 -10.54
N GLY A 286 -27.54 -1.54 -10.62
CA GLY A 286 -27.86 -2.89 -11.11
C GLY A 286 -26.68 -3.87 -11.03
N ASP A 287 -26.96 -5.17 -11.19
CA ASP A 287 -25.95 -6.25 -11.28
C ASP A 287 -24.95 -5.89 -12.39
N ILE A 288 -23.65 -6.15 -12.16
CA ILE A 288 -22.52 -5.77 -13.06
C ILE A 288 -22.58 -6.63 -14.33
N ASP A 289 -22.29 -6.02 -15.49
CA ASP A 289 -22.33 -6.67 -16.84
C ASP A 289 -23.79 -6.93 -17.24
N THR A 290 -24.72 -6.14 -16.69
CA THR A 290 -26.18 -6.23 -16.98
C THR A 290 -26.60 -4.85 -17.47
N PRO A 291 -27.36 -4.80 -18.58
CA PRO A 291 -27.65 -3.53 -19.26
C PRO A 291 -28.15 -2.43 -18.31
N TYR A 292 -27.58 -1.23 -18.40
CA TYR A 292 -28.15 0.01 -17.84
C TYR A 292 -28.60 0.87 -19.02
N VAL A 293 -29.68 1.66 -18.86
CA VAL A 293 -30.18 2.58 -19.92
C VAL A 293 -30.48 3.94 -19.30
N THR A 294 -30.04 5.01 -19.96
CA THR A 294 -30.24 6.40 -19.48
C THR A 294 -31.17 7.04 -20.49
N SER A 295 -31.70 8.21 -20.16
CA SER A 295 -32.75 8.89 -20.97
C SER A 295 -32.47 10.38 -21.04
N GLN A 296 -32.57 10.87 -22.28
CA GLN A 296 -32.43 12.29 -22.64
C GLN A 296 -33.72 12.92 -22.15
N LYS A 297 -33.62 13.98 -21.37
CA LYS A 297 -34.82 14.57 -20.76
C LYS A 297 -35.25 15.72 -21.65
N THR A 298 -36.56 15.84 -21.84
CA THR A 298 -37.16 17.01 -22.47
C THR A 298 -37.20 18.06 -21.38
N ILE A 299 -36.61 19.22 -21.61
CA ILE A 299 -36.43 20.22 -20.54
C ILE A 299 -36.96 21.55 -21.03
N PRO A 300 -38.12 21.99 -20.48
CA PRO A 300 -38.64 23.34 -20.68
C PRO A 300 -37.62 24.49 -20.54
N GLY A 301 -37.35 25.17 -21.67
CA GLY A 301 -36.42 26.32 -21.82
C GLY A 301 -35.08 25.87 -22.38
N TYR A 302 -34.95 24.61 -22.84
CA TYR A 302 -33.64 24.02 -23.20
C TYR A 302 -33.81 22.94 -24.28
N THR A 303 -32.85 22.88 -25.20
CA THR A 303 -32.75 21.78 -26.18
C THR A 303 -31.43 21.02 -25.96
N PHE A 304 -31.53 19.69 -25.95
CA PHE A 304 -30.41 18.74 -25.85
C PHE A 304 -29.30 19.17 -26.81
N LYS A 305 -28.04 19.13 -26.36
CA LYS A 305 -26.83 19.46 -27.16
C LYS A 305 -26.01 18.17 -27.36
N ALA A 306 -25.51 17.56 -26.28
CA ALA A 306 -24.70 16.32 -26.33
C ALA A 306 -24.69 15.60 -24.98
N SER A 307 -24.38 14.30 -25.01
CA SER A 307 -24.09 13.43 -23.84
C SER A 307 -22.57 13.25 -23.67
N ASN A 308 -21.95 14.01 -22.75
CA ASN A 308 -20.54 13.82 -22.29
C ASN A 308 -20.50 12.75 -21.18
N GLY A 309 -19.32 12.15 -20.91
CA GLY A 309 -19.13 11.06 -19.94
C GLY A 309 -19.37 9.67 -20.55
N ALA A 310 -20.18 8.84 -19.89
CA ALA A 310 -20.35 7.42 -20.29
C ALA A 310 -21.39 7.36 -21.41
N ALA A 311 -21.47 6.21 -22.10
CA ALA A 311 -22.55 5.97 -23.07
C ALA A 311 -23.89 6.05 -22.32
N THR A 312 -24.97 6.50 -23.01
CA THR A 312 -26.37 6.59 -22.52
C THR A 312 -26.93 5.17 -22.35
N SER A 313 -26.56 4.27 -23.27
CA SER A 313 -26.79 2.81 -23.21
C SER A 313 -25.46 2.03 -22.99
N GLY A 314 -25.39 1.14 -21.99
CA GLY A 314 -24.25 0.24 -21.78
C GLY A 314 -24.59 -0.94 -20.89
N ASN A 315 -23.56 -1.55 -20.26
CA ASN A 315 -23.67 -2.64 -19.24
C ASN A 315 -23.10 -2.10 -17.92
N TYR A 316 -23.49 -2.71 -16.79
CA TYR A 316 -23.16 -2.21 -15.43
C TYR A 316 -21.73 -2.59 -15.04
N ALA A 317 -21.09 -1.76 -14.20
CA ALA A 317 -19.64 -1.83 -13.84
C ALA A 317 -19.43 -1.40 -12.39
N ALA A 318 -18.46 -2.06 -11.73
CA ALA A 318 -18.17 -1.98 -10.28
C ALA A 318 -17.78 -0.55 -9.85
N ASN A 319 -17.29 0.30 -10.76
CA ASN A 319 -17.08 1.74 -10.45
C ASN A 319 -18.15 2.56 -11.16
N ASP A 320 -18.27 3.77 -10.65
CA ASP A 320 -19.47 4.59 -10.81
C ASP A 320 -19.34 5.36 -12.12
N GLN A 321 -20.14 4.98 -13.13
CA GLN A 321 -20.15 5.59 -14.50
C GLN A 321 -21.13 6.77 -14.54
N THR A 322 -20.66 7.98 -14.84
CA THR A 322 -21.43 9.27 -14.90
C THR A 322 -21.68 9.69 -16.38
N VAL A 323 -22.94 9.67 -16.81
CA VAL A 323 -23.44 10.18 -18.14
C VAL A 323 -24.02 11.57 -17.91
N ASN A 324 -23.32 12.66 -18.25
CA ASN A 324 -23.90 14.02 -18.15
C ASN A 324 -24.71 14.25 -19.45
N TYR A 325 -25.76 15.12 -19.42
CA TYR A 325 -26.60 15.53 -20.59
C TYR A 325 -26.55 17.06 -20.64
N VAL A 326 -25.95 17.60 -21.69
CA VAL A 326 -25.79 19.08 -21.84
C VAL A 326 -26.98 19.56 -22.67
N TYR A 327 -27.45 20.77 -22.38
CA TYR A 327 -28.65 21.37 -22.99
C TYR A 327 -28.28 22.79 -23.38
N THR A 328 -28.87 23.36 -24.44
CA THR A 328 -28.70 24.79 -24.80
C THR A 328 -29.90 25.59 -24.29
N ARG A 329 -29.66 26.77 -23.70
CA ARG A 329 -30.69 27.74 -23.23
C ARG A 329 -31.41 28.22 -24.48
N ASN A 330 -32.69 27.84 -24.65
CA ASN A 330 -33.53 28.14 -25.84
C ASN A 330 -33.59 29.67 -26.00
N GLN A 331 -33.29 30.16 -27.19
CA GLN A 331 -33.30 31.60 -27.51
C GLN A 331 -34.46 31.90 -28.48
N GLY A 332 -35.25 32.92 -28.18
CA GLY A 332 -36.42 33.30 -28.97
C GLY A 332 -36.09 34.50 -29.83
N SER A 333 -36.71 34.62 -30.99
CA SER A 333 -36.51 35.75 -31.95
C SER A 333 -37.73 36.69 -31.90
N ILE A 334 -37.48 38.00 -31.91
CA ILE A 334 -38.50 39.07 -32.04
C ILE A 334 -37.90 40.11 -33.00
N ASP A 335 -38.60 40.46 -34.08
CA ASP A 335 -38.20 41.53 -35.03
C ASP A 335 -39.29 42.58 -35.08
N VAL A 336 -38.91 43.81 -35.34
CA VAL A 336 -39.84 44.98 -35.37
C VAL A 336 -39.47 45.76 -36.63
N THR A 337 -40.33 45.72 -37.64
CA THR A 337 -40.02 46.28 -38.97
C THR A 337 -40.72 47.62 -39.04
N TYR A 338 -40.00 48.66 -39.41
CA TYR A 338 -40.54 50.03 -39.63
C TYR A 338 -40.67 50.14 -41.15
N ILE A 339 -41.83 50.52 -41.65
CA ILE A 339 -42.10 50.54 -43.11
C ILE A 339 -42.63 51.92 -43.49
N ASP A 340 -42.01 52.57 -44.48
CA ASP A 340 -42.55 53.82 -45.08
C ASP A 340 -43.63 53.40 -46.07
N GLN A 341 -44.89 53.67 -45.77
CA GLN A 341 -46.06 53.25 -46.58
C GLN A 341 -46.16 54.08 -47.86
N THR A 342 -45.46 55.21 -47.92
CA THR A 342 -45.55 56.12 -49.08
C THR A 342 -44.67 55.54 -50.18
N THR A 343 -43.57 54.87 -49.80
CA THR A 343 -42.57 54.24 -50.70
C THR A 343 -42.75 52.72 -50.68
N GLY A 344 -43.61 52.20 -49.79
CA GLY A 344 -43.78 50.75 -49.50
C GLY A 344 -42.47 50.03 -49.15
N GLN A 345 -41.43 50.75 -48.72
CA GLN A 345 -40.06 50.20 -48.50
C GLN A 345 -39.72 50.25 -47.01
N THR A 346 -38.88 49.31 -46.55
CA THR A 346 -38.40 49.19 -45.14
C THR A 346 -37.52 50.39 -44.78
N LEU A 347 -37.90 51.16 -43.77
CA LEU A 347 -37.09 52.25 -43.15
C LEU A 347 -35.92 51.63 -42.33
N SER A 348 -36.21 50.71 -41.43
CA SER A 348 -35.21 50.02 -40.59
C SER A 348 -35.85 48.80 -39.97
N LYS A 349 -35.07 47.80 -39.62
CA LYS A 349 -35.59 46.63 -38.88
C LYS A 349 -34.71 46.45 -37.63
N LYS A 350 -35.33 46.27 -36.44
CA LYS A 350 -34.65 45.87 -35.19
C LYS A 350 -34.80 44.35 -34.98
N ASP A 351 -33.71 43.66 -34.63
CA ASP A 351 -33.72 42.19 -34.38
C ASP A 351 -33.29 41.93 -32.93
N LEU A 352 -34.18 41.36 -32.13
CA LEU A 352 -33.91 41.02 -30.72
C LEU A 352 -33.92 39.49 -30.59
N SER A 353 -32.84 38.90 -30.10
CA SER A 353 -32.78 37.47 -29.70
C SER A 353 -32.38 37.42 -28.21
N GLY A 354 -32.86 36.41 -27.50
CA GLY A 354 -32.69 36.26 -26.04
C GLY A 354 -33.32 34.97 -25.54
N GLY A 355 -33.25 34.70 -24.24
CA GLY A 355 -33.69 33.44 -23.63
C GLY A 355 -35.20 33.36 -23.49
N THR A 356 -35.80 32.24 -23.91
CA THR A 356 -37.25 32.01 -23.80
C THR A 356 -37.64 32.33 -22.35
N GLY A 357 -38.26 33.48 -22.12
CA GLY A 357 -38.79 33.90 -20.81
C GLY A 357 -38.30 35.29 -20.44
N ASP A 358 -37.19 35.74 -21.03
CA ASP A 358 -36.53 37.02 -20.67
C ASP A 358 -37.22 38.17 -21.43
N SER A 359 -37.09 39.41 -20.95
CA SER A 359 -37.71 40.64 -21.53
C SER A 359 -36.69 41.34 -22.44
N SER A 360 -37.08 41.71 -23.67
CA SER A 360 -36.21 42.38 -24.66
C SER A 360 -35.87 43.79 -24.14
N ASN A 361 -36.78 44.36 -23.33
CA ASN A 361 -36.71 45.77 -22.82
C ASN A 361 -36.65 46.73 -24.01
N TYR A 362 -37.32 46.39 -25.11
CA TYR A 362 -37.39 47.23 -26.36
C TYR A 362 -38.69 48.03 -26.33
N THR A 363 -38.61 49.29 -26.75
CA THR A 363 -39.78 50.19 -26.95
C THR A 363 -39.69 50.67 -28.39
N THR A 364 -40.83 50.98 -28.99
CA THR A 364 -40.91 51.49 -30.38
C THR A 364 -40.80 53.02 -30.35
N THR A 365 -40.97 53.67 -29.19
CA THR A 365 -41.18 55.14 -29.11
C THR A 365 -39.92 55.89 -29.57
N ASP A 366 -38.75 55.34 -29.27
CA ASP A 366 -37.45 55.99 -29.59
C ASP A 366 -37.31 56.03 -31.11
N THR A 367 -37.38 54.85 -31.74
CA THR A 367 -37.19 54.66 -33.20
C THR A 367 -38.33 55.32 -33.98
N ILE A 368 -39.54 55.42 -33.40
CA ILE A 368 -40.69 56.20 -33.96
C ILE A 368 -40.35 57.69 -33.89
N LYS A 369 -39.82 58.13 -32.75
CA LYS A 369 -39.49 59.56 -32.48
C LYS A 369 -38.62 60.07 -33.63
N SER A 370 -37.50 59.41 -33.87
CA SER A 370 -36.54 59.79 -34.94
C SER A 370 -37.36 60.10 -36.21
N TYR A 371 -38.28 59.21 -36.58
CA TYR A 371 -39.09 59.30 -37.83
C TYR A 371 -40.11 60.45 -37.73
N THR A 372 -40.92 60.48 -36.67
CA THR A 372 -41.96 61.53 -36.44
C THR A 372 -41.30 62.91 -36.32
N ASP A 373 -40.06 62.97 -35.83
CA ASP A 373 -39.16 64.16 -35.86
C ASP A 373 -38.89 64.53 -37.33
N ALA A 374 -38.39 63.57 -38.13
CA ALA A 374 -38.00 63.76 -39.54
C ALA A 374 -39.20 64.12 -40.43
N GLY A 375 -40.38 64.30 -39.84
CA GLY A 375 -41.60 64.69 -40.56
C GLY A 375 -42.36 63.51 -41.16
N TYR A 376 -42.27 62.31 -40.55
CA TYR A 376 -43.20 61.16 -40.77
C TYR A 376 -44.42 61.26 -39.85
N GLU A 377 -45.55 60.68 -40.25
CA GLU A 377 -46.76 60.55 -39.40
C GLU A 377 -46.91 59.05 -39.10
N LEU A 378 -47.17 58.68 -37.84
CA LEU A 378 -47.37 57.25 -37.47
C LEU A 378 -48.73 56.82 -38.01
N VAL A 379 -48.79 55.67 -38.70
CA VAL A 379 -50.08 55.09 -39.14
C VAL A 379 -50.50 54.05 -38.10
N SER A 380 -49.63 53.09 -37.77
CA SER A 380 -50.01 51.91 -36.97
C SER A 380 -48.78 51.31 -36.29
N ASP A 381 -48.96 50.72 -35.10
CA ASP A 381 -47.92 50.04 -34.29
C ASP A 381 -48.53 48.79 -33.66
N ASN A 382 -48.21 47.59 -34.18
CA ASN A 382 -48.75 46.32 -33.62
C ASN A 382 -47.79 45.75 -32.56
N TYR A 383 -46.69 46.43 -32.26
CA TYR A 383 -45.75 46.00 -31.20
C TYR A 383 -46.42 46.28 -29.86
N PRO A 384 -46.44 45.32 -28.92
CA PRO A 384 -47.07 45.52 -27.61
C PRO A 384 -46.53 46.76 -26.85
N SER A 385 -47.40 47.53 -26.20
CA SER A 385 -46.96 48.72 -25.40
C SER A 385 -46.09 48.25 -24.23
N GLY A 386 -46.57 47.27 -23.48
CA GLY A 386 -45.89 46.75 -22.27
C GLY A 386 -44.87 45.68 -22.61
N GLY A 387 -43.87 46.04 -23.43
CA GLY A 387 -42.67 45.21 -23.71
C GLY A 387 -43.02 43.85 -24.24
N THR A 388 -42.01 43.04 -24.57
CA THR A 388 -42.16 41.69 -25.16
C THR A 388 -41.40 40.69 -24.31
N VAL A 389 -41.67 39.41 -24.52
CA VAL A 389 -40.94 38.30 -23.89
C VAL A 389 -40.64 37.27 -24.97
N PHE A 390 -39.36 37.01 -25.22
CA PHE A 390 -38.84 35.93 -26.09
C PHE A 390 -39.52 34.60 -25.74
N THR A 391 -40.08 33.93 -26.76
CA THR A 391 -40.78 32.63 -26.67
C THR A 391 -40.20 31.67 -27.70
N ASP A 392 -40.50 30.38 -27.51
CA ASP A 392 -39.97 29.26 -28.32
C ASP A 392 -40.28 29.54 -29.79
N THR A 393 -41.46 30.09 -30.06
CA THR A 393 -41.91 30.46 -31.42
C THR A 393 -41.55 31.92 -31.67
N ALA A 394 -41.32 32.23 -32.94
CA ALA A 394 -40.82 33.54 -33.42
C ALA A 394 -41.92 34.58 -33.24
N GLN A 395 -41.55 35.86 -33.10
CA GLN A 395 -42.50 36.98 -32.95
C GLN A 395 -42.10 38.01 -34.02
N HIS A 396 -43.05 38.55 -34.75
CA HIS A 396 -42.78 39.57 -35.80
C HIS A 396 -43.76 40.73 -35.61
N TYR A 397 -43.28 41.95 -35.56
CA TYR A 397 -44.13 43.16 -35.32
C TYR A 397 -43.73 44.19 -36.36
N VAL A 398 -44.67 45.04 -36.70
CA VAL A 398 -44.54 45.98 -37.84
C VAL A 398 -45.00 47.34 -37.35
N VAL A 399 -44.37 48.39 -37.83
CA VAL A 399 -44.71 49.79 -37.48
C VAL A 399 -44.84 50.50 -38.82
N ASN A 400 -46.05 50.88 -39.20
CA ASN A 400 -46.25 51.55 -40.51
C ASN A 400 -46.21 53.06 -40.25
N LEU A 401 -45.35 53.75 -40.98
CA LEU A 401 -45.23 55.23 -40.99
C LEU A 401 -45.39 55.69 -42.43
N LYS A 402 -46.16 56.75 -42.62
CA LYS A 402 -46.36 57.39 -43.96
C LYS A 402 -45.62 58.72 -43.91
N GLN A 403 -45.02 59.10 -45.02
CA GLN A 403 -44.47 60.46 -45.20
C GLN A 403 -45.63 61.45 -45.00
N LYS A 404 -45.50 62.33 -44.01
CA LYS A 404 -46.55 63.29 -43.58
C LYS A 404 -46.84 64.28 -44.72
N LEU A 405 -48.09 64.46 -45.07
CA LEU A 405 -48.52 65.43 -46.12
C LEU A 405 -49.34 66.53 -45.43
N VAL A 406 -48.91 67.80 -45.54
CA VAL A 406 -49.56 69.01 -44.95
C VAL A 406 -50.17 69.90 -46.05
N VAL A 407 -51.48 69.84 -46.20
CA VAL A 407 -52.23 70.58 -47.26
C VAL A 407 -52.23 72.06 -46.86
N SER A 408 -51.58 72.93 -47.65
CA SER A 408 -51.65 74.40 -47.54
C SER A 408 -52.64 74.95 -48.57
N SER A 409 -52.80 76.26 -48.60
CA SER A 409 -53.68 76.95 -49.57
C SER A 409 -53.07 78.31 -49.87
N GLU A 410 -52.47 78.45 -51.05
CA GLU A 410 -51.99 79.77 -51.52
C GLU A 410 -53.12 80.41 -52.37
N GLN A 411 -53.31 81.71 -52.15
CA GLN A 411 -54.34 82.58 -52.79
C GLN A 411 -53.60 83.64 -53.62
N LYS A 412 -54.09 83.87 -54.82
CA LYS A 412 -53.61 84.93 -55.74
C LYS A 412 -54.82 85.77 -56.08
N GLN A 413 -54.59 87.02 -56.43
CA GLN A 413 -55.68 87.96 -56.78
C GLN A 413 -55.15 88.82 -57.92
N VAL A 414 -55.98 89.01 -58.94
CA VAL A 414 -55.68 89.95 -60.05
C VAL A 414 -56.61 91.16 -59.91
N ASN A 415 -56.03 92.35 -60.00
CA ASN A 415 -56.75 93.62 -59.73
C ASN A 415 -56.66 94.48 -60.99
N GLU A 416 -57.70 95.26 -61.22
CA GLU A 416 -57.73 96.32 -62.25
C GLU A 416 -57.84 97.63 -61.43
N THR A 417 -56.91 98.57 -61.59
CA THR A 417 -56.98 99.91 -60.95
C THR A 417 -56.89 100.98 -62.04
N ILE A 418 -57.99 101.64 -62.39
CA ILE A 418 -57.95 102.82 -63.30
C ILE A 418 -57.90 104.14 -62.48
N GLN A 419 -56.79 104.88 -62.51
CA GLN A 419 -56.62 106.23 -61.86
C GLN A 419 -57.20 107.29 -62.78
N TYR A 420 -57.85 108.32 -62.21
CA TYR A 420 -58.47 109.44 -62.96
C TYR A 420 -57.79 110.76 -62.56
N VAL A 421 -56.84 111.26 -63.37
CA VAL A 421 -55.92 112.37 -62.99
C VAL A 421 -56.05 113.54 -63.98
N TYR A 422 -55.70 114.77 -63.56
CA TYR A 422 -55.52 115.95 -64.46
C TYR A 422 -54.11 115.95 -65.02
N GLU A 423 -53.80 116.81 -66.00
CA GLU A 423 -52.45 116.77 -66.65
C GLU A 423 -51.30 117.03 -65.66
N ASP A 424 -51.57 117.57 -64.46
CA ASP A 424 -50.53 117.84 -63.44
C ASP A 424 -50.25 116.58 -62.61
N GLY A 425 -51.03 115.49 -62.78
CA GLY A 425 -50.89 114.26 -61.97
C GLY A 425 -51.68 114.33 -60.65
N SER A 426 -52.53 115.34 -60.51
CA SER A 426 -53.42 115.52 -59.36
C SER A 426 -54.69 114.74 -59.71
N LYS A 427 -55.48 114.31 -58.70
CA LYS A 427 -56.64 113.40 -58.87
C LYS A 427 -57.84 114.20 -59.39
N ALA A 428 -58.45 113.76 -60.49
CA ALA A 428 -59.74 114.25 -61.00
C ALA A 428 -60.88 113.51 -60.29
N ALA A 429 -60.68 112.23 -60.01
CA ALA A 429 -61.65 111.35 -59.32
C ALA A 429 -60.91 110.23 -58.58
N ASP A 430 -61.61 109.57 -57.66
CA ASP A 430 -61.06 108.38 -56.94
C ASP A 430 -60.78 107.29 -57.95
N ASP A 431 -59.62 106.62 -57.84
CA ASP A 431 -59.28 105.43 -58.67
C ASP A 431 -60.46 104.43 -58.59
N TYR A 432 -60.87 103.86 -59.73
CA TYR A 432 -61.81 102.70 -59.75
C TYR A 432 -60.98 101.45 -59.45
N ASN A 433 -61.15 100.90 -58.25
CA ASN A 433 -60.60 99.58 -57.86
C ASN A 433 -61.66 98.52 -58.23
N ALA A 434 -61.38 97.71 -59.25
CA ALA A 434 -62.35 96.72 -59.81
C ALA A 434 -62.61 95.58 -58.84
N PRO A 435 -63.81 94.96 -58.92
CA PRO A 435 -64.10 93.72 -58.20
C PRO A 435 -62.99 92.71 -58.47
N PRO A 436 -62.07 92.42 -57.51
CA PRO A 436 -60.87 91.64 -57.80
C PRO A 436 -61.22 90.21 -58.22
N LEU A 437 -60.39 89.67 -59.09
CA LEU A 437 -60.53 88.27 -59.56
C LEU A 437 -59.61 87.40 -58.70
N ASN A 438 -60.20 86.64 -57.77
CA ASN A 438 -59.46 85.77 -56.81
C ASN A 438 -59.29 84.38 -57.43
N PHE A 439 -58.15 83.75 -57.14
CA PHE A 439 -57.75 82.38 -57.56
C PHE A 439 -57.14 81.67 -56.35
N THR A 440 -57.41 80.37 -56.18
CA THR A 440 -56.93 79.58 -55.02
C THR A 440 -56.56 78.18 -55.49
N ARG A 441 -55.42 77.65 -55.05
CA ARG A 441 -55.05 76.24 -55.34
C ARG A 441 -54.61 75.62 -54.02
N SER A 442 -54.83 74.32 -53.84
CA SER A 442 -54.31 73.60 -52.66
C SER A 442 -52.79 73.37 -52.85
N VAL A 443 -51.99 73.31 -51.78
CA VAL A 443 -50.51 73.05 -51.87
C VAL A 443 -50.11 71.95 -50.89
N THR A 444 -50.32 70.69 -51.23
CA THR A 444 -49.92 69.52 -50.38
C THR A 444 -48.38 69.51 -50.28
N THR A 445 -47.85 69.48 -49.05
CA THR A 445 -46.39 69.57 -48.76
C THR A 445 -45.92 68.34 -47.98
N ASN A 446 -44.95 67.61 -48.53
CA ASN A 446 -44.34 66.45 -47.84
C ASN A 446 -43.22 66.91 -46.89
N GLN A 447 -43.34 66.57 -45.61
CA GLN A 447 -42.45 67.10 -44.55
C GLN A 447 -41.22 66.19 -44.47
N VAL A 448 -41.25 65.04 -45.15
CA VAL A 448 -40.07 64.12 -45.24
C VAL A 448 -39.22 64.51 -46.45
N THR A 449 -39.83 64.76 -47.63
CA THR A 449 -39.09 65.09 -48.88
C THR A 449 -39.00 66.61 -49.06
N GLY A 450 -40.01 67.38 -48.63
CA GLY A 450 -40.17 68.79 -49.01
C GLY A 450 -40.97 68.98 -50.29
N GLU A 451 -41.24 67.89 -51.04
CA GLU A 451 -41.96 67.96 -52.34
C GLU A 451 -43.30 68.69 -52.13
N LYS A 452 -43.68 69.59 -53.06
CA LYS A 452 -44.97 70.31 -53.05
C LYS A 452 -45.86 69.81 -54.19
N THR A 453 -47.04 69.27 -53.87
CA THR A 453 -48.05 68.76 -54.84
C THR A 453 -49.13 69.82 -54.98
N TYR A 454 -49.06 70.63 -56.03
CA TYR A 454 -49.99 71.76 -56.27
C TYR A 454 -51.24 71.21 -56.93
N GLY A 455 -52.41 71.72 -56.56
CA GLY A 455 -53.68 71.43 -57.24
C GLY A 455 -53.87 72.47 -58.32
N ASP A 456 -55.03 72.45 -58.96
CA ASP A 456 -55.30 73.36 -60.11
C ASP A 456 -55.78 74.71 -59.56
N TRP A 457 -55.12 75.80 -60.00
CA TRP A 457 -55.49 77.23 -59.77
C TRP A 457 -56.97 77.50 -60.10
N GLN A 458 -57.87 77.19 -59.17
CA GLN A 458 -59.32 77.44 -59.31
C GLN A 458 -59.56 78.96 -59.19
N ALA A 459 -60.48 79.52 -60.02
CA ALA A 459 -60.95 80.94 -60.05
C ALA A 459 -62.23 81.13 -59.23
N GLN A 460 -62.19 82.03 -58.25
CA GLN A 460 -63.28 82.17 -57.24
C GLN A 460 -64.33 83.13 -57.80
N ASN A 461 -63.91 84.06 -58.66
CA ASN A 461 -64.69 85.30 -58.93
C ASN A 461 -64.87 85.53 -60.43
N GLY A 462 -64.02 84.94 -61.26
CA GLY A 462 -64.22 85.03 -62.71
C GLY A 462 -62.92 85.20 -63.44
N ASP A 463 -63.04 85.57 -64.71
CA ASP A 463 -61.91 85.74 -65.67
C ASP A 463 -62.05 87.05 -66.47
N SER A 464 -63.15 87.79 -66.29
CA SER A 464 -63.50 88.99 -67.10
C SER A 464 -63.66 90.22 -66.18
N PHE A 465 -62.80 91.23 -66.40
CA PHE A 465 -62.89 92.61 -65.82
C PHE A 465 -63.89 93.43 -66.63
N GLY A 466 -64.90 93.95 -65.94
CA GLY A 466 -65.96 94.77 -66.56
C GLY A 466 -65.41 96.04 -67.19
N GLU A 467 -66.17 96.52 -68.19
CA GLU A 467 -65.99 97.82 -68.87
C GLU A 467 -66.19 98.88 -67.79
N VAL A 468 -65.29 99.89 -67.72
CA VAL A 468 -65.37 101.03 -66.75
C VAL A 468 -65.44 102.33 -67.54
N VAL A 469 -66.64 102.93 -67.67
CA VAL A 469 -66.87 104.26 -68.31
C VAL A 469 -66.29 105.34 -67.39
N SER A 470 -65.32 106.12 -67.87
CA SER A 470 -64.58 107.18 -67.13
C SER A 470 -65.54 108.32 -66.77
N PRO A 471 -65.52 108.84 -65.52
CA PRO A 471 -66.33 110.01 -65.14
C PRO A 471 -66.27 111.19 -66.13
N THR A 472 -67.36 111.97 -66.13
CA THR A 472 -67.53 113.29 -66.83
C THR A 472 -67.30 114.42 -65.83
N ILE A 473 -66.06 114.93 -65.77
CA ILE A 473 -65.67 116.09 -64.91
C ILE A 473 -66.17 117.37 -65.63
N LYS A 474 -66.80 118.28 -64.89
CA LYS A 474 -67.35 119.57 -65.41
C LYS A 474 -66.18 120.48 -65.80
N GLY A 475 -66.08 120.85 -67.09
CA GLY A 475 -65.00 121.69 -67.65
C GLY A 475 -63.71 120.93 -67.95
N GLU A 476 -63.78 119.62 -68.23
CA GLU A 476 -62.62 118.77 -68.65
C GLU A 476 -63.08 117.72 -69.70
N THR A 477 -62.16 117.21 -70.54
CA THR A 477 -62.37 116.06 -71.47
C THR A 477 -61.23 115.05 -71.29
N ALA A 478 -61.62 113.77 -71.22
CA ALA A 478 -60.75 112.64 -70.83
C ALA A 478 -60.20 111.93 -72.07
N ASP A 479 -58.92 111.55 -72.04
CA ASP A 479 -58.23 110.88 -73.17
C ASP A 479 -58.91 109.53 -73.44
N GLN A 480 -59.44 108.84 -72.42
CA GLN A 480 -60.12 107.52 -72.54
C GLN A 480 -61.55 107.64 -72.00
N LEU A 481 -62.58 107.57 -72.85
CA LEU A 481 -63.98 107.81 -72.37
C LEU A 481 -64.52 106.62 -71.60
N LYS A 482 -63.94 105.44 -71.84
CA LYS A 482 -64.24 104.16 -71.14
C LYS A 482 -62.98 103.27 -71.23
N ILE A 483 -62.87 102.33 -70.30
CA ILE A 483 -61.85 101.24 -70.31
C ILE A 483 -62.57 99.94 -70.70
N ASP A 484 -62.20 99.36 -71.84
CA ASP A 484 -62.91 98.20 -72.44
C ASP A 484 -62.81 97.00 -71.51
N ALA A 485 -63.89 96.20 -71.46
CA ALA A 485 -63.94 94.87 -70.79
C ALA A 485 -62.74 94.02 -71.22
N ILE A 486 -61.92 93.54 -70.27
CA ILE A 486 -60.69 92.69 -70.48
C ILE A 486 -61.00 91.27 -69.94
N SER A 487 -61.24 90.30 -70.82
CA SER A 487 -61.64 88.92 -70.44
C SER A 487 -60.43 87.96 -70.56
N GLY A 488 -60.58 86.72 -70.07
CA GLY A 488 -59.57 85.65 -70.19
C GLY A 488 -58.41 85.89 -69.25
N ILE A 489 -58.72 86.41 -68.07
CA ILE A 489 -57.71 86.65 -67.00
C ILE A 489 -57.48 85.31 -66.30
N THR A 490 -56.20 84.98 -66.08
CA THR A 490 -55.74 83.72 -65.44
C THR A 490 -55.09 84.12 -64.10
N ALA A 491 -54.85 83.16 -63.19
CA ALA A 491 -54.09 83.35 -61.93
C ALA A 491 -52.67 83.83 -62.27
N ASN A 492 -52.21 83.56 -63.49
CA ASN A 492 -50.89 84.01 -63.99
C ASN A 492 -50.98 85.47 -64.44
N SER A 493 -52.16 85.97 -64.81
CA SER A 493 -52.31 87.33 -65.38
C SER A 493 -51.72 88.38 -64.41
N ALA A 494 -51.17 89.46 -64.98
CA ALA A 494 -50.57 90.61 -64.29
C ALA A 494 -51.67 91.63 -63.95
N ASP A 495 -51.59 92.28 -62.78
CA ASP A 495 -52.55 93.36 -62.39
C ASP A 495 -52.64 94.36 -63.55
N ILE A 496 -53.84 94.82 -63.86
CA ILE A 496 -54.08 95.92 -64.85
C ILE A 496 -53.89 97.24 -64.09
N GLN A 497 -53.04 98.12 -64.62
CA GLN A 497 -52.80 99.50 -64.08
C GLN A 497 -53.04 100.46 -65.23
N LYS A 498 -54.23 101.04 -65.32
CA LYS A 498 -54.61 102.04 -66.35
C LYS A 498 -54.63 103.45 -65.74
N LYS A 499 -54.72 104.49 -66.56
CA LYS A 499 -54.66 105.92 -66.11
C LYS A 499 -55.39 106.81 -67.10
N VAL A 500 -56.50 107.42 -66.69
CA VAL A 500 -57.26 108.37 -67.52
C VAL A 500 -56.76 109.79 -67.18
N VAL A 501 -56.21 110.51 -68.19
CA VAL A 501 -55.70 111.92 -68.12
C VAL A 501 -56.75 112.87 -68.70
N TYR A 502 -57.14 113.87 -67.91
CA TYR A 502 -58.22 114.85 -68.22
C TYR A 502 -57.57 116.16 -68.63
N LYS A 503 -58.04 116.74 -69.74
CA LYS A 503 -57.57 118.02 -70.33
C LYS A 503 -58.70 119.04 -70.14
N ARG A 504 -58.37 120.33 -69.97
CA ARG A 504 -59.32 121.46 -69.73
C ARG A 504 -60.18 121.71 -70.97
N ASN A 505 -61.51 121.74 -70.77
CA ASN A 505 -62.58 122.15 -71.74
C ASN A 505 -63.21 120.90 -72.39
N SER B 35 23.19 -40.91 49.28
CA SER B 35 21.82 -41.32 48.76
C SER B 35 21.98 -42.14 47.47
N ARG B 36 23.09 -41.89 46.74
CA ARG B 36 23.36 -42.43 45.39
C ARG B 36 24.32 -43.63 45.46
N ASP B 37 24.76 -44.02 46.67
CA ASP B 37 25.62 -45.20 46.98
C ASP B 37 24.74 -46.43 46.85
N ILE B 38 24.94 -47.28 45.84
CA ILE B 38 24.04 -48.46 45.63
C ILE B 38 24.89 -49.73 45.42
N THR B 39 24.22 -50.86 45.42
CA THR B 39 24.88 -52.14 45.10
C THR B 39 24.01 -52.90 44.10
N VAL B 40 24.55 -53.24 42.96
CA VAL B 40 23.79 -54.10 42.02
C VAL B 40 24.12 -55.54 42.38
N TYR B 41 23.10 -56.24 42.84
CA TYR B 41 23.15 -57.66 43.30
C TYR B 41 22.83 -58.46 42.05
N PRO B 42 23.37 -59.68 41.91
CA PRO B 42 23.20 -60.48 40.70
C PRO B 42 21.78 -60.49 40.13
N LYS B 43 20.73 -60.48 40.92
CA LYS B 43 19.39 -60.70 40.34
C LYS B 43 18.82 -59.40 39.78
N ASP B 44 19.50 -58.27 40.03
CA ASP B 44 19.10 -56.92 39.54
C ASP B 44 20.00 -56.48 38.37
N PHE B 45 20.87 -57.37 37.86
CA PHE B 45 21.85 -57.08 36.79
C PHE B 45 21.21 -56.24 35.68
N LEU B 46 20.08 -56.66 35.10
CA LEU B 46 19.42 -56.00 33.95
C LEU B 46 18.67 -54.72 34.32
N THR B 47 18.58 -54.38 35.61
CA THR B 47 17.94 -53.12 36.06
C THR B 47 18.96 -52.00 35.86
N TYR B 48 20.25 -52.32 35.97
CA TYR B 48 21.33 -51.29 35.95
C TYR B 48 22.34 -51.57 34.83
N PHE B 49 22.00 -52.49 33.92
CA PHE B 49 22.87 -52.95 32.80
C PHE B 49 21.96 -53.32 31.63
N GLN B 50 22.29 -52.77 30.45
CA GLN B 50 21.53 -52.93 29.20
C GLN B 50 22.42 -53.75 28.28
N ARG B 51 21.89 -54.89 27.80
CA ARG B 51 22.58 -55.81 26.87
C ARG B 51 22.42 -55.23 25.46
N ASN B 52 23.55 -55.03 24.78
CA ASN B 52 23.53 -54.51 23.40
C ASN B 52 24.31 -55.49 22.52
N GLY B 53 23.99 -55.50 21.23
CA GLY B 53 24.72 -56.31 20.25
C GLY B 53 24.41 -57.79 20.37
N SER B 54 25.41 -58.65 20.22
CA SER B 54 25.23 -60.12 20.29
C SER B 54 24.70 -60.48 21.70
N ALA B 55 25.17 -59.81 22.77
CA ALA B 55 24.66 -59.90 24.16
C ALA B 55 23.13 -59.77 24.16
N ALA B 56 22.57 -58.75 23.52
CA ALA B 56 21.10 -58.54 23.45
C ALA B 56 20.36 -59.75 22.83
N GLY B 57 21.02 -60.83 22.42
CA GLY B 57 20.33 -61.96 21.77
C GLY B 57 20.15 -63.13 22.72
N PHE B 58 20.61 -62.96 23.96
CA PHE B 58 20.58 -64.02 25.00
C PHE B 58 20.04 -63.47 26.34
N ASP B 59 18.94 -64.10 26.79
CA ASP B 59 18.29 -63.76 28.07
C ASP B 59 19.29 -63.88 29.21
N TYR B 60 19.10 -63.06 30.26
CA TYR B 60 19.90 -63.19 31.51
C TYR B 60 19.46 -64.49 32.20
N ASP B 61 20.39 -65.42 32.40
CA ASP B 61 20.11 -66.77 32.96
C ASP B 61 20.05 -66.68 34.48
N LEU B 62 18.84 -66.51 35.03
CA LEU B 62 18.55 -66.32 36.48
C LEU B 62 18.98 -67.56 37.27
N ALA B 63 19.25 -68.68 36.59
CA ALA B 63 19.71 -69.93 37.23
C ALA B 63 21.08 -69.75 37.86
N THR B 64 22.08 -69.31 37.09
CA THR B 64 23.49 -69.18 37.58
C THR B 64 23.92 -67.70 37.65
N TYR B 65 23.00 -66.77 37.33
CA TYR B 65 23.26 -65.31 37.20
C TYR B 65 24.33 -65.11 36.10
N THR B 66 23.99 -65.51 34.89
CA THR B 66 24.99 -65.64 33.80
C THR B 66 24.51 -64.78 32.61
N GLN B 67 25.38 -63.87 32.14
CA GLN B 67 25.08 -63.05 30.93
C GLN B 67 26.11 -63.40 29.87
N THR B 68 25.63 -63.82 28.70
CA THR B 68 26.47 -64.04 27.50
C THR B 68 26.77 -62.67 26.85
N LEU B 69 28.03 -62.36 26.66
CA LEU B 69 28.41 -61.19 25.83
C LEU B 69 28.51 -61.62 24.35
N THR B 70 29.23 -62.72 24.09
CA THR B 70 29.35 -63.37 22.75
C THR B 70 29.12 -64.87 22.88
N PRO B 71 28.36 -65.44 21.93
CA PRO B 71 28.37 -66.88 21.71
C PRO B 71 29.66 -67.41 21.10
N ASN B 72 29.78 -68.73 20.96
CA ASN B 72 30.97 -69.34 20.30
C ASN B 72 30.75 -69.35 18.79
N LYS B 73 30.30 -68.21 18.24
CA LYS B 73 30.10 -67.95 16.79
C LYS B 73 31.17 -66.97 16.29
N ALA B 74 31.17 -66.65 15.01
CA ALA B 74 32.22 -65.77 14.42
C ALA B 74 31.68 -64.34 14.25
N SER B 75 32.59 -63.36 14.28
CA SER B 75 32.26 -61.94 13.94
C SER B 75 31.14 -61.40 14.86
N GLN B 76 31.33 -61.55 16.19
CA GLN B 76 30.33 -61.17 17.24
C GLN B 76 30.88 -59.98 18.02
N ALA B 77 30.03 -58.99 18.28
CA ALA B 77 30.35 -57.87 19.20
C ALA B 77 29.21 -57.73 20.17
N GLY B 78 29.48 -58.06 21.40
CA GLY B 78 28.43 -57.88 22.43
C GLY B 78 28.94 -57.08 23.64
N ASN B 79 28.00 -56.41 24.31
CA ASN B 79 28.39 -55.63 25.52
C ASN B 79 27.19 -55.49 26.41
N VAL B 80 27.45 -55.25 27.70
CA VAL B 80 26.47 -54.55 28.57
C VAL B 80 26.97 -53.11 28.89
N THR B 81 26.07 -52.16 28.91
CA THR B 81 26.37 -50.76 29.34
C THR B 81 25.61 -50.49 30.63
N LEU B 82 26.32 -50.05 31.67
CA LEU B 82 25.65 -49.48 32.88
C LEU B 82 24.67 -48.39 32.48
N LYS B 83 23.42 -48.50 32.91
CA LYS B 83 22.35 -47.53 32.63
C LYS B 83 22.56 -46.18 33.35
N THR B 84 23.56 -46.01 34.18
CA THR B 84 23.90 -44.70 34.79
C THR B 84 25.39 -44.48 34.58
N LYS B 85 25.91 -43.36 35.09
CA LYS B 85 27.37 -43.15 35.13
C LYS B 85 27.91 -43.39 36.55
N VAL B 86 29.23 -43.41 36.73
CA VAL B 86 29.85 -43.71 38.03
C VAL B 86 30.46 -42.45 38.60
N ASP B 87 30.24 -42.19 39.88
CA ASP B 87 30.84 -41.01 40.51
C ASP B 87 32.26 -41.41 40.86
N MET B 88 33.22 -40.91 40.10
CA MET B 88 34.66 -41.18 40.22
C MET B 88 35.30 -40.36 41.34
N SER B 89 34.54 -39.60 42.10
CA SER B 89 35.07 -39.01 43.36
C SER B 89 34.94 -40.12 44.41
N GLN B 90 34.08 -41.12 44.17
CA GLN B 90 33.70 -42.13 45.20
C GLN B 90 34.29 -43.47 44.76
N ASN B 91 34.39 -44.39 45.72
CA ASN B 91 34.99 -45.72 45.56
C ASN B 91 34.02 -46.57 44.79
N PHE B 92 34.51 -47.67 44.21
CA PHE B 92 33.60 -48.65 43.59
C PHE B 92 34.28 -50.01 43.65
N THR B 93 33.47 -51.05 43.72
CA THR B 93 33.97 -52.45 43.81
C THR B 93 33.12 -53.31 42.89
N PHE B 94 33.72 -53.76 41.82
CA PHE B 94 33.10 -54.72 40.88
C PHE B 94 33.64 -56.13 41.20
N THR B 95 32.76 -57.10 41.39
CA THR B 95 33.17 -58.55 41.46
C THR B 95 32.25 -59.40 40.57
N GLY B 96 32.79 -60.49 40.03
CA GLY B 96 31.99 -61.51 39.35
C GLY B 96 32.89 -62.65 38.90
N LYS B 97 32.38 -63.49 38.03
CA LYS B 97 33.22 -64.54 37.38
C LYS B 97 33.23 -64.30 35.87
N ILE B 98 34.35 -64.44 35.17
CA ILE B 98 34.41 -64.30 33.68
C ILE B 98 34.69 -65.67 33.04
N ASN B 99 33.86 -66.06 32.09
CA ASN B 99 34.20 -67.17 31.15
C ASN B 99 34.85 -66.56 29.90
N LEU B 100 36.16 -66.71 29.71
CA LEU B 100 36.85 -66.34 28.42
C LEU B 100 36.78 -67.42 27.32
N GLY B 101 36.08 -68.54 27.54
CA GLY B 101 35.83 -69.58 26.49
C GLY B 101 36.70 -70.83 26.57
N ASP B 102 36.71 -71.63 25.51
CA ASP B 102 37.38 -72.97 25.49
C ASP B 102 38.72 -72.90 24.76
N LYS B 103 38.80 -72.18 23.63
CA LYS B 103 39.94 -72.30 22.66
C LYS B 103 41.05 -71.25 22.96
N ALA B 104 42.30 -71.68 23.01
CA ALA B 104 43.41 -70.73 23.08
C ALA B 104 43.54 -70.00 21.73
N GLN B 105 44.48 -69.05 21.66
CA GLN B 105 44.84 -68.36 20.40
C GLN B 105 45.24 -69.47 19.43
N ASN B 106 46.08 -70.38 19.92
CA ASN B 106 46.75 -71.44 19.11
C ASN B 106 45.77 -72.57 18.90
N ALA B 107 44.51 -72.27 18.53
CA ALA B 107 43.37 -73.20 18.48
C ALA B 107 42.10 -72.46 18.05
N GLY B 108 42.24 -71.27 17.45
CA GLY B 108 41.05 -70.57 16.91
C GLY B 108 40.20 -69.89 17.97
N GLY B 109 40.81 -69.56 19.15
CA GLY B 109 40.20 -68.74 20.23
C GLY B 109 40.51 -67.22 20.23
N ALA B 110 39.47 -66.39 20.53
CA ALA B 110 39.48 -64.90 20.49
C ALA B 110 38.13 -64.34 20.91
N ASP B 111 38.07 -63.04 21.28
CA ASP B 111 39.14 -62.06 21.20
C ASP B 111 39.52 -61.66 22.61
N GLY B 112 38.56 -61.72 23.53
CA GLY B 112 38.79 -61.31 24.92
C GLY B 112 37.69 -60.42 25.40
N VAL B 113 37.84 -59.96 26.64
CA VAL B 113 36.78 -59.21 27.34
C VAL B 113 37.41 -57.92 27.85
N GLY B 114 36.69 -56.85 27.64
CA GLY B 114 37.26 -55.54 28.02
C GLY B 114 36.31 -54.74 28.85
N PHE B 115 36.90 -53.91 29.70
CA PHE B 115 36.11 -53.07 30.66
C PHE B 115 36.44 -51.64 30.29
N LEU B 116 35.44 -50.88 29.84
CA LEU B 116 35.64 -49.47 29.36
C LEU B 116 35.02 -48.45 30.36
N PHE B 117 35.79 -47.44 30.65
CA PHE B 117 35.36 -46.22 31.38
C PHE B 117 35.59 -45.02 30.43
N HIS B 118 34.60 -44.21 30.12
CA HIS B 118 34.80 -43.02 29.27
C HIS B 118 33.85 -41.95 29.73
N PRO B 119 34.18 -40.64 29.58
CA PRO B 119 33.35 -39.54 30.10
C PRO B 119 32.11 -39.11 29.29
N GLY B 120 31.91 -39.59 28.09
CA GLY B 120 30.70 -39.31 27.29
C GLY B 120 29.52 -40.22 27.60
N ASP B 121 28.61 -40.39 26.64
CA ASP B 121 27.30 -41.06 26.76
C ASP B 121 27.38 -42.55 27.12
N THR B 122 26.32 -43.04 27.77
CA THR B 122 26.24 -44.41 28.30
C THR B 122 26.02 -45.38 27.14
N ASN B 123 25.56 -44.85 26.00
CA ASN B 123 25.28 -45.62 24.76
C ASN B 123 26.57 -45.86 24.01
N VAL B 124 27.59 -45.05 24.29
CA VAL B 124 28.84 -45.08 23.50
C VAL B 124 29.71 -46.23 24.01
N VAL B 125 30.12 -47.06 23.06
CA VAL B 125 30.93 -48.30 23.31
C VAL B 125 32.17 -48.31 22.40
N GLY B 126 33.21 -48.93 22.91
CA GLY B 126 34.44 -49.12 22.16
C GLY B 126 34.26 -50.09 21.01
N ALA B 127 35.27 -50.17 20.17
CA ALA B 127 35.27 -50.98 18.95
C ALA B 127 35.75 -52.38 19.31
N PRO B 128 35.33 -53.40 18.55
CA PRO B 128 35.80 -54.78 18.73
C PRO B 128 37.30 -55.04 18.44
N GLY B 129 37.71 -56.30 18.53
CA GLY B 129 38.98 -56.80 17.97
C GLY B 129 40.14 -56.41 18.85
N GLY B 130 41.20 -55.84 18.30
CA GLY B 130 42.30 -55.30 19.13
C GLY B 130 41.87 -54.01 19.88
N ALA B 131 40.75 -53.35 19.51
CA ALA B 131 40.32 -52.20 20.32
C ALA B 131 39.88 -52.72 21.68
N ALA B 132 39.53 -54.02 21.75
CA ALA B 132 39.08 -54.73 22.98
C ALA B 132 37.98 -53.96 23.72
N GLY B 133 37.00 -53.41 23.04
CA GLY B 133 35.89 -52.64 23.63
C GLY B 133 36.37 -51.34 24.30
N ILE B 134 37.61 -50.86 24.05
CA ILE B 134 38.16 -49.62 24.70
C ILE B 134 38.60 -48.58 23.67
N GLY B 135 39.24 -49.04 22.58
CA GLY B 135 39.59 -48.25 21.38
C GLY B 135 38.39 -47.55 20.74
N GLY B 136 38.63 -46.41 20.07
CA GLY B 136 37.62 -45.67 19.27
C GLY B 136 36.75 -44.75 20.12
N VAL B 137 37.10 -44.52 21.39
CA VAL B 137 36.27 -43.65 22.27
C VAL B 137 37.14 -42.56 22.85
N ASN B 138 36.68 -41.32 22.78
CA ASN B 138 37.41 -40.16 23.37
C ASN B 138 37.35 -40.28 24.89
N GLY B 139 38.52 -40.24 25.51
CA GLY B 139 38.66 -40.28 26.97
C GLY B 139 38.56 -41.69 27.51
N ALA B 140 38.80 -42.72 26.68
CA ALA B 140 38.62 -44.15 27.06
C ALA B 140 39.83 -44.56 27.88
N PHE B 141 39.58 -45.31 28.98
CA PHE B 141 40.58 -46.15 29.71
C PHE B 141 39.88 -47.42 30.25
N GLY B 142 40.66 -48.43 30.66
CA GLY B 142 40.04 -49.61 31.30
C GLY B 142 40.95 -50.80 31.39
N PHE B 143 40.37 -51.98 31.39
CA PHE B 143 41.12 -53.22 31.60
C PHE B 143 40.66 -54.26 30.59
N LYS B 144 41.62 -55.00 30.07
CA LYS B 144 41.29 -56.00 29.03
C LYS B 144 41.87 -57.36 29.43
N LEU B 145 41.07 -58.39 29.18
CA LEU B 145 41.64 -59.79 29.16
C LEU B 145 41.76 -60.17 27.69
N ASP B 146 42.96 -60.03 27.14
CA ASP B 146 43.17 -60.16 25.67
C ASP B 146 43.58 -61.61 25.36
N THR B 147 42.78 -62.29 24.53
CA THR B 147 42.91 -63.74 24.24
C THR B 147 43.31 -63.96 22.77
N TYR B 148 43.84 -62.92 22.11
CA TYR B 148 44.26 -62.95 20.69
C TYR B 148 45.23 -61.82 20.41
N TYR B 149 46.48 -62.16 20.10
CA TYR B 149 47.57 -61.22 19.79
C TYR B 149 47.29 -60.48 18.49
N ASN B 150 47.29 -59.14 18.58
CA ASN B 150 47.09 -58.21 17.45
C ASN B 150 48.43 -57.52 17.27
N GLY B 151 49.23 -57.99 16.32
CA GLY B 151 50.56 -57.44 16.00
C GLY B 151 50.49 -56.32 14.98
N VAL B 152 49.37 -56.19 14.24
CA VAL B 152 49.13 -55.13 13.22
C VAL B 152 48.26 -54.06 13.86
N GLY B 153 48.78 -52.82 13.93
CA GLY B 153 47.99 -51.69 14.46
C GLY B 153 46.86 -51.29 13.54
N GLU B 154 45.73 -50.84 14.09
CA GLU B 154 44.71 -50.05 13.37
C GLU B 154 44.60 -48.68 14.06
N ASN B 155 43.75 -47.80 13.52
CA ASN B 155 43.50 -46.44 14.09
C ASN B 155 42.88 -46.51 15.50
N SER B 156 42.21 -47.60 15.83
CA SER B 156 41.49 -47.79 17.12
C SER B 156 42.42 -48.39 18.19
N PHE B 157 43.65 -48.79 17.85
CA PHE B 157 44.57 -49.56 18.74
C PHE B 157 45.98 -49.65 18.24
N THR B 158 46.96 -49.62 19.15
CA THR B 158 48.36 -49.93 18.85
C THR B 158 48.50 -51.45 18.81
N PRO B 159 49.62 -51.99 18.30
CA PRO B 159 49.87 -53.43 18.37
C PRO B 159 50.03 -53.88 19.83
N ASP B 160 49.52 -55.09 20.18
CA ASP B 160 49.76 -55.71 21.53
C ASP B 160 51.26 -55.87 21.73
N PRO B 161 51.81 -55.78 22.97
CA PRO B 161 53.25 -55.82 23.19
C PRO B 161 53.80 -57.18 22.69
N SER B 162 55.00 -57.17 22.11
CA SER B 162 55.61 -58.32 21.35
C SER B 162 55.83 -59.56 22.27
N ASN B 163 56.16 -59.37 23.54
CA ASN B 163 56.45 -60.50 24.46
C ASN B 163 55.17 -61.30 24.74
N PHE B 164 54.10 -61.12 23.96
CA PHE B 164 52.77 -61.77 24.21
C PHE B 164 52.17 -62.30 22.92
N LYS B 165 52.98 -62.46 21.87
CA LYS B 165 52.56 -63.24 20.67
C LYS B 165 52.15 -64.62 21.15
N GLY B 166 50.99 -65.13 20.71
CA GLY B 166 50.50 -66.48 21.02
C GLY B 166 50.46 -66.71 22.54
N LYS B 167 50.01 -65.69 23.28
CA LYS B 167 49.86 -65.71 24.76
C LYS B 167 48.68 -64.80 25.12
N PRO B 168 47.76 -65.29 25.98
CA PRO B 168 46.65 -64.48 26.45
C PRO B 168 47.27 -63.54 27.50
N PHE B 169 46.83 -62.29 27.57
CA PHE B 169 47.33 -61.39 28.63
C PHE B 169 46.23 -60.50 29.15
N GLY B 170 46.46 -59.99 30.35
CA GLY B 170 45.54 -59.00 30.94
C GLY B 170 46.28 -57.72 31.17
N ALA B 171 45.63 -56.58 30.89
CA ALA B 171 46.31 -55.26 31.05
C ALA B 171 45.33 -54.10 31.17
N PHE B 172 45.82 -53.04 31.78
CA PHE B 172 45.21 -51.67 31.67
C PHE B 172 45.51 -51.10 30.27
N VAL B 173 44.53 -50.40 29.71
CA VAL B 173 44.56 -49.74 28.39
C VAL B 173 44.38 -48.20 28.49
N ASP B 174 45.13 -47.44 27.71
CA ASP B 174 45.03 -45.97 27.57
C ASP B 174 44.47 -45.67 26.19
N GLY B 175 43.21 -45.23 26.09
CA GLY B 175 42.54 -44.84 24.83
C GLY B 175 41.95 -43.44 24.92
N LEU B 176 42.64 -42.54 25.58
CA LEU B 176 42.15 -41.12 25.79
C LEU B 176 41.96 -40.37 24.49
N ASN B 177 42.93 -40.47 23.59
CA ASN B 177 42.92 -39.99 22.17
C ASN B 177 42.14 -40.87 21.16
N GLY B 178 41.45 -41.95 21.54
CA GLY B 178 40.68 -42.74 20.56
C GLY B 178 41.44 -44.00 20.12
N GLN B 179 42.72 -44.13 20.45
CA GLN B 179 43.42 -45.37 20.08
C GLN B 179 43.82 -46.11 21.36
N ALA B 180 43.44 -47.40 21.45
CA ALA B 180 43.77 -48.25 22.62
C ALA B 180 45.22 -48.66 22.60
N LYS B 181 46.04 -48.13 23.52
CA LYS B 181 47.43 -48.54 23.73
C LYS B 181 47.43 -49.35 25.02
N THR B 182 48.05 -50.54 24.99
CA THR B 182 48.17 -51.45 26.15
C THR B 182 49.21 -50.84 27.07
N ILE B 183 48.99 -50.88 28.37
CA ILE B 183 50.03 -50.35 29.31
C ILE B 183 50.96 -51.53 29.62
N ALA B 184 52.13 -51.50 28.98
CA ALA B 184 53.04 -52.66 28.93
C ALA B 184 53.49 -53.01 30.34
N SER B 185 53.96 -52.04 31.13
CA SER B 185 54.63 -52.23 32.45
C SER B 185 53.85 -53.19 33.37
N SER B 186 52.51 -53.24 33.29
CA SER B 186 51.61 -54.02 34.19
C SER B 186 51.03 -55.22 33.44
N ALA B 187 51.13 -55.29 32.10
CA ALA B 187 50.56 -56.40 31.28
C ALA B 187 51.12 -57.74 31.77
N GLN B 188 50.26 -58.63 32.20
CA GLN B 188 50.72 -59.88 32.87
C GLN B 188 50.07 -61.05 32.13
N SER B 189 50.82 -62.13 32.00
CA SER B 189 50.30 -63.42 31.44
C SER B 189 49.05 -63.83 32.22
N ILE B 190 48.01 -64.26 31.54
CA ILE B 190 46.85 -64.93 32.20
C ILE B 190 46.81 -66.36 31.67
N SER B 191 45.88 -67.14 32.18
CA SER B 191 45.68 -68.54 31.77
C SER B 191 44.90 -68.52 30.49
N GLU B 192 45.15 -69.51 29.63
CA GLU B 192 44.43 -69.72 28.35
C GLU B 192 42.98 -70.01 28.66
N PRO B 193 42.04 -69.53 27.81
CA PRO B 193 40.64 -69.96 27.84
C PRO B 193 40.60 -71.49 27.82
N SER B 194 39.70 -72.07 28.61
CA SER B 194 39.68 -73.52 28.93
C SER B 194 38.28 -73.92 29.38
N ASN B 195 37.71 -74.93 28.72
CA ASN B 195 36.51 -75.70 29.16
C ASN B 195 35.35 -74.80 29.57
N ASN B 196 35.25 -73.59 29.00
CA ASN B 196 34.25 -72.55 29.40
C ASN B 196 34.25 -72.34 30.92
N ASN B 197 35.42 -72.37 31.52
CA ASN B 197 35.62 -72.17 32.98
C ASN B 197 35.52 -70.67 33.35
N PHE B 198 34.77 -70.40 34.40
CA PHE B 198 34.61 -69.05 34.97
C PHE B 198 35.73 -68.83 35.95
N VAL B 199 36.48 -67.73 35.87
CA VAL B 199 37.56 -67.35 36.84
C VAL B 199 37.16 -66.08 37.57
N ASP B 200 37.53 -66.00 38.83
CA ASP B 200 37.17 -64.87 39.72
C ASP B 200 37.82 -63.58 39.22
N PHE B 201 36.98 -62.56 39.00
CA PHE B 201 37.43 -61.21 38.58
C PHE B 201 37.04 -60.19 39.66
N THR B 202 37.97 -59.34 40.02
CA THR B 202 37.70 -58.16 40.89
C THR B 202 38.30 -56.86 40.30
N MET B 203 37.49 -55.82 40.13
CA MET B 203 37.96 -54.46 39.81
C MET B 203 37.56 -53.44 40.90
N SER B 204 38.54 -52.82 41.53
CA SER B 204 38.32 -51.97 42.71
C SER B 204 38.87 -50.57 42.44
N TYR B 205 38.11 -49.53 42.75
CA TYR B 205 38.55 -48.14 42.47
C TYR B 205 38.51 -47.32 43.76
N ASN B 206 39.64 -46.75 44.13
CA ASN B 206 39.75 -45.78 45.25
C ASN B 206 39.50 -44.37 44.74
N GLY B 207 38.34 -43.82 45.00
CA GLY B 207 37.89 -42.54 44.41
C GLY B 207 38.53 -41.30 45.02
N ALA B 208 39.39 -41.46 46.01
CA ALA B 208 40.17 -40.34 46.57
C ALA B 208 41.58 -40.32 45.99
N THR B 209 42.13 -41.48 45.68
CA THR B 209 43.56 -41.63 45.29
C THR B 209 43.64 -41.86 43.78
N LYS B 210 42.50 -42.05 43.14
CA LYS B 210 42.40 -42.28 41.70
C LYS B 210 43.28 -43.49 41.36
N VAL B 211 43.13 -44.59 42.09
CA VAL B 211 43.88 -45.86 41.87
C VAL B 211 42.91 -47.01 41.64
N MET B 212 43.13 -47.78 40.60
CA MET B 212 42.27 -48.93 40.26
C MET B 212 43.08 -50.19 40.55
N SER B 213 42.46 -51.21 41.11
CA SER B 213 43.08 -52.51 41.45
C SER B 213 42.24 -53.61 40.80
N VAL B 214 42.87 -54.36 39.93
CA VAL B 214 42.18 -55.52 39.31
C VAL B 214 42.82 -56.85 39.74
N THR B 215 41.99 -57.86 39.95
CA THR B 215 42.49 -59.24 40.19
C THR B 215 41.70 -60.18 39.27
N TYR B 216 42.39 -61.17 38.72
CA TYR B 216 41.83 -62.28 37.90
C TYR B 216 42.71 -63.50 38.19
N GLY B 217 42.09 -64.65 38.52
CA GLY B 217 42.87 -65.84 38.87
C GLY B 217 43.77 -65.47 40.03
N GLY B 218 45.08 -65.71 39.92
CA GLY B 218 46.07 -65.32 40.96
C GLY B 218 46.95 -64.17 40.51
N GLN B 219 46.51 -63.43 39.49
CA GLN B 219 47.27 -62.26 38.99
C GLN B 219 46.53 -61.03 39.50
N THR B 220 47.29 -59.98 39.80
CA THR B 220 46.75 -58.71 40.36
C THR B 220 47.44 -57.56 39.65
N TRP B 221 46.66 -56.55 39.27
CA TRP B 221 47.11 -55.28 38.64
C TRP B 221 46.75 -54.06 39.50
N THR B 222 47.68 -53.13 39.72
CA THR B 222 47.35 -51.75 40.20
C THR B 222 47.61 -50.72 39.10
N GLN B 223 46.75 -49.73 38.97
CA GLN B 223 47.01 -48.61 38.03
C GLN B 223 46.57 -47.25 38.61
N ASP B 224 47.42 -46.24 38.56
CA ASP B 224 46.99 -44.85 38.86
C ASP B 224 46.22 -44.32 37.66
N VAL B 225 44.94 -43.97 37.83
CA VAL B 225 44.08 -43.56 36.68
C VAL B 225 43.81 -42.06 36.77
N SER B 226 44.60 -41.37 37.62
CA SER B 226 44.51 -39.92 37.86
C SER B 226 44.49 -39.16 36.53
N SER B 227 45.45 -39.45 35.64
CA SER B 227 45.61 -38.83 34.29
C SER B 227 44.45 -39.25 33.37
N PHE B 228 43.78 -40.38 33.63
CA PHE B 228 42.68 -40.85 32.76
C PHE B 228 41.36 -40.22 33.18
N VAL B 229 41.27 -39.76 34.42
CA VAL B 229 39.97 -39.29 34.95
C VAL B 229 40.02 -37.79 34.97
N GLY B 230 41.02 -37.22 35.61
CA GLY B 230 41.12 -35.76 35.80
C GLY B 230 39.87 -35.16 36.44
N THR B 231 39.28 -34.15 35.79
CA THR B 231 38.21 -33.28 36.37
C THR B 231 36.81 -33.82 36.09
N ASN B 232 36.70 -35.07 35.62
CA ASN B 232 35.44 -35.60 35.04
C ASN B 232 34.43 -35.81 36.17
N GLN B 233 34.72 -36.66 37.14
CA GLN B 233 33.76 -37.00 38.23
C GLN B 233 32.62 -37.90 37.69
N ALA B 234 32.42 -38.01 36.38
CA ALA B 234 31.31 -38.81 35.83
C ALA B 234 31.84 -39.60 34.64
N MET B 235 31.73 -40.93 34.65
CA MET B 235 32.25 -41.82 33.57
C MET B 235 31.25 -42.92 33.25
N SER B 236 30.91 -43.11 31.99
CA SER B 236 30.07 -44.28 31.61
C SER B 236 30.86 -45.58 31.78
N PHE B 237 30.18 -46.73 31.89
CA PHE B 237 30.84 -48.06 32.04
C PHE B 237 30.25 -49.05 31.06
N SER B 238 31.11 -49.88 30.52
CA SER B 238 30.63 -50.86 29.54
C SER B 238 31.57 -52.07 29.64
N ILE B 239 31.02 -53.27 29.50
CA ILE B 239 31.85 -54.52 29.56
C ILE B 239 31.56 -55.27 28.28
N ALA B 240 32.59 -55.44 27.46
CA ALA B 240 32.40 -55.83 26.03
C ALA B 240 33.28 -57.00 25.67
N ALA B 241 32.77 -57.86 24.79
CA ALA B 241 33.62 -58.93 24.21
C ALA B 241 33.34 -59.01 22.72
N SER B 242 34.36 -59.42 21.97
CA SER B 242 34.27 -59.52 20.49
C SER B 242 34.73 -60.94 20.02
N THR B 243 34.29 -61.33 18.83
CA THR B 243 34.93 -62.43 18.06
C THR B 243 35.08 -61.94 16.62
N GLY B 244 36.19 -62.25 15.95
CA GLY B 244 36.20 -62.18 14.47
C GLY B 244 36.06 -63.57 13.82
N ALA B 245 37.17 -64.04 13.26
CA ALA B 245 37.29 -65.31 12.50
C ALA B 245 37.54 -66.44 13.49
N PHE B 246 38.47 -66.24 14.42
CA PHE B 246 38.59 -66.97 15.71
C PHE B 246 37.48 -66.47 16.68
N MET B 247 37.10 -67.31 17.65
CA MET B 247 35.85 -67.08 18.41
C MET B 247 36.00 -67.73 19.77
N ASN B 248 34.98 -67.55 20.63
CA ASN B 248 34.86 -68.11 22.01
C ASN B 248 33.52 -67.68 22.60
N LEU B 249 32.92 -68.53 23.42
CA LEU B 249 31.79 -68.14 24.27
C LEU B 249 32.39 -67.30 25.38
N GLN B 250 31.89 -66.08 25.56
CA GLN B 250 32.52 -65.12 26.50
C GLN B 250 31.36 -64.54 27.32
N GLN B 251 31.40 -64.69 28.65
CA GLN B 251 30.24 -64.46 29.55
C GLN B 251 30.70 -63.88 30.90
N LEU B 252 29.74 -63.28 31.57
CA LEU B 252 29.92 -62.86 32.98
C LEU B 252 29.02 -63.69 33.89
N ARG B 253 29.41 -63.86 35.14
CA ARG B 253 28.56 -64.53 36.15
C ARG B 253 28.79 -63.91 37.52
N ASN B 254 27.68 -63.83 38.27
CA ASN B 254 27.64 -63.43 39.71
C ASN B 254 28.14 -61.99 39.87
N VAL B 255 27.60 -61.08 39.08
CA VAL B 255 28.06 -59.66 39.07
C VAL B 255 27.53 -58.95 40.32
N ASN B 256 28.45 -58.49 41.16
CA ASN B 256 28.17 -57.57 42.29
C ASN B 256 28.89 -56.25 42.00
N PHE B 257 28.15 -55.19 41.67
CA PHE B 257 28.76 -53.85 41.43
C PHE B 257 28.29 -52.87 42.51
N THR B 258 29.16 -52.58 43.44
CA THR B 258 28.89 -51.57 44.48
C THR B 258 29.48 -50.27 43.97
N TYR B 259 28.69 -49.23 43.77
CA TYR B 259 29.24 -47.89 43.40
C TYR B 259 28.34 -46.71 43.82
N THR B 260 28.87 -45.48 43.76
CA THR B 260 28.04 -44.24 43.87
C THR B 260 27.56 -43.79 42.49
N VAL B 261 26.25 -43.79 42.26
CA VAL B 261 25.63 -43.31 40.99
C VAL B 261 25.96 -41.82 40.82
N ALA B 262 26.27 -41.43 39.57
CA ALA B 262 26.76 -40.08 39.26
C ALA B 262 25.55 -39.14 39.08
N GLN B 263 25.69 -37.90 39.49
CA GLN B 263 24.66 -36.88 39.16
C GLN B 263 24.59 -36.68 37.62
N GLY B 264 23.43 -36.30 37.13
CA GLY B 264 23.25 -35.78 35.75
C GLY B 264 23.63 -34.30 35.60
N THR B 265 24.02 -33.94 34.37
CA THR B 265 24.55 -32.62 34.05
C THR B 265 23.64 -31.99 33.01
N VAL B 266 23.33 -30.67 33.14
CA VAL B 266 22.62 -29.91 32.09
C VAL B 266 23.44 -28.69 31.66
N ILE B 267 23.70 -28.60 30.38
CA ILE B 267 24.51 -27.48 29.81
C ILE B 267 23.55 -26.52 29.11
N ALA B 268 23.54 -25.25 29.52
CA ALA B 268 22.73 -24.21 28.88
C ALA B 268 23.67 -23.25 28.13
N ASN B 269 23.54 -23.25 26.82
CA ASN B 269 24.35 -22.39 25.92
C ASN B 269 23.53 -21.19 25.46
N TYR B 270 24.19 -20.06 25.30
CA TYR B 270 23.53 -18.82 24.85
C TYR B 270 24.28 -18.34 23.62
N VAL B 271 23.69 -18.56 22.45
CA VAL B 271 24.36 -18.34 21.16
C VAL B 271 23.53 -17.38 20.30
N ASP B 272 24.08 -17.02 19.15
CA ASP B 272 23.36 -16.30 18.08
C ASP B 272 22.97 -17.35 17.05
N GLU B 273 22.38 -16.90 15.94
CA GLU B 273 21.87 -17.76 14.85
C GLU B 273 23.03 -18.39 14.09
N GLN B 274 24.26 -17.88 14.28
CA GLN B 274 25.46 -18.40 13.60
C GLN B 274 26.10 -19.51 14.46
N GLY B 275 25.79 -19.60 15.75
CA GLY B 275 26.43 -20.60 16.66
C GLY B 275 27.43 -19.98 17.63
N ASN B 276 27.88 -18.75 17.39
CA ASN B 276 28.79 -18.02 18.30
C ASN B 276 28.14 -17.84 19.68
N THR B 277 28.89 -18.10 20.75
CA THR B 277 28.46 -17.94 22.16
C THR B 277 28.34 -16.42 22.47
N ILE B 278 27.23 -15.96 23.03
CA ILE B 278 26.95 -14.51 23.27
C ILE B 278 26.71 -14.28 24.76
N ALA B 279 26.60 -15.34 25.54
CA ALA B 279 26.70 -15.24 27.01
C ALA B 279 27.31 -16.54 27.61
N GLN B 280 27.95 -16.42 28.78
CA GLN B 280 28.67 -17.53 29.46
C GLN B 280 27.70 -18.72 29.59
N GLN B 281 28.22 -19.93 29.33
CA GLN B 281 27.52 -21.22 29.47
C GLN B 281 27.16 -21.46 30.94
N GLU B 282 25.98 -22.02 31.21
CA GLU B 282 25.57 -22.37 32.59
C GLU B 282 25.52 -23.91 32.71
N THR B 283 26.40 -24.47 33.56
CA THR B 283 26.48 -25.93 33.83
C THR B 283 25.91 -26.12 35.22
N THR B 284 24.89 -26.97 35.33
CA THR B 284 24.30 -27.43 36.60
C THR B 284 24.36 -28.96 36.65
N SER B 285 24.43 -29.44 37.88
CA SER B 285 24.37 -30.88 38.16
C SER B 285 23.36 -31.10 39.28
N GLY B 286 22.67 -32.20 39.21
CA GLY B 286 21.87 -32.67 40.35
C GLY B 286 21.52 -34.12 40.13
N ASP B 287 20.82 -34.74 41.07
CA ASP B 287 20.62 -36.20 41.12
C ASP B 287 19.78 -36.61 39.93
N ILE B 288 20.06 -37.73 39.31
CA ILE B 288 19.18 -38.23 38.23
C ILE B 288 17.73 -38.08 38.68
N ASP B 289 16.84 -37.66 37.78
CA ASP B 289 15.37 -37.62 37.91
C ASP B 289 14.99 -36.57 38.93
N THR B 290 15.87 -35.67 39.33
CA THR B 290 15.46 -34.48 40.10
C THR B 290 15.26 -33.35 39.11
N PRO B 291 14.56 -32.24 39.44
CA PRO B 291 14.25 -31.23 38.43
C PRO B 291 15.43 -30.28 38.08
N TYR B 292 15.54 -29.91 36.82
CA TYR B 292 16.45 -28.81 36.40
C TYR B 292 15.61 -27.70 35.82
N VAL B 293 16.08 -26.47 36.04
CA VAL B 293 15.43 -25.22 35.58
C VAL B 293 16.53 -24.37 35.02
N THR B 294 16.67 -24.29 33.68
CA THR B 294 17.59 -23.33 33.01
C THR B 294 16.87 -22.01 32.75
N SER B 295 17.64 -20.96 32.53
CA SER B 295 17.14 -19.56 32.45
C SER B 295 17.28 -19.04 31.01
N GLN B 296 16.24 -18.41 30.47
CA GLN B 296 16.38 -17.51 29.30
C GLN B 296 16.99 -16.17 29.78
N LYS B 297 18.16 -15.84 29.25
CA LYS B 297 19.03 -14.73 29.67
C LYS B 297 18.69 -13.49 28.84
N THR B 298 18.65 -12.32 29.47
CA THR B 298 18.50 -11.04 28.74
C THR B 298 19.90 -10.58 28.37
N ILE B 299 20.27 -10.73 27.10
CA ILE B 299 21.60 -10.31 26.59
C ILE B 299 21.44 -8.99 25.84
N PRO B 300 22.06 -7.90 26.35
CA PRO B 300 22.00 -6.61 25.71
C PRO B 300 22.46 -6.68 24.26
N GLY B 301 21.60 -6.17 23.35
CA GLY B 301 21.86 -6.10 21.90
C GLY B 301 21.43 -7.37 21.17
N TYR B 302 20.78 -8.30 21.89
CA TYR B 302 20.16 -9.52 21.34
C TYR B 302 18.74 -9.71 21.88
N THR B 303 17.99 -10.58 21.21
CA THR B 303 16.60 -10.88 21.59
C THR B 303 16.39 -12.37 21.40
N PHE B 304 15.89 -13.06 22.44
CA PHE B 304 15.66 -14.52 22.43
C PHE B 304 14.77 -14.87 21.23
N LYS B 305 15.20 -15.80 20.38
CA LYS B 305 14.38 -16.31 19.25
C LYS B 305 13.74 -17.61 19.70
N ALA B 306 14.50 -18.68 19.88
CA ALA B 306 13.96 -20.02 20.17
C ALA B 306 15.04 -20.92 20.75
N SER B 307 14.64 -21.90 21.57
CA SER B 307 15.53 -22.89 22.19
C SER B 307 15.55 -24.14 21.31
N ASN B 308 16.69 -24.80 21.24
CA ASN B 308 16.83 -26.09 20.51
C ASN B 308 17.52 -27.11 21.45
N GLY B 309 17.25 -28.40 21.17
CA GLY B 309 17.78 -29.54 21.95
C GLY B 309 16.96 -29.78 23.20
N ALA B 310 17.54 -29.77 24.39
CA ALA B 310 16.79 -30.17 25.61
C ALA B 310 15.88 -29.02 26.04
N ALA B 311 14.82 -29.36 26.78
CA ALA B 311 13.80 -28.42 27.29
C ALA B 311 14.43 -27.43 28.25
N THR B 312 13.79 -26.30 28.46
CA THR B 312 14.35 -25.24 29.34
C THR B 312 14.27 -25.78 30.77
N SER B 313 13.18 -26.48 31.09
CA SER B 313 12.98 -27.16 32.40
C SER B 313 12.79 -28.67 32.16
N GLY B 314 13.12 -29.46 33.17
CA GLY B 314 12.95 -30.93 33.05
C GLY B 314 13.70 -31.66 34.14
N ASN B 315 14.16 -32.86 33.82
CA ASN B 315 14.75 -33.77 34.85
C ASN B 315 16.20 -34.11 34.46
N TYR B 316 17.11 -34.09 35.43
CA TYR B 316 18.47 -34.59 35.25
C TYR B 316 18.42 -36.04 34.77
N ALA B 317 19.37 -36.42 33.91
CA ALA B 317 19.49 -37.80 33.39
C ALA B 317 20.97 -38.15 33.43
N ALA B 318 21.29 -39.42 33.18
CA ALA B 318 22.68 -39.89 33.25
C ALA B 318 23.49 -39.17 32.18
N ASN B 319 22.95 -39.04 30.96
CA ASN B 319 23.66 -38.40 29.84
C ASN B 319 23.40 -36.90 29.86
N ASP B 320 24.44 -36.15 29.53
CA ASP B 320 24.42 -34.67 29.53
C ASP B 320 23.29 -34.20 28.62
N GLN B 321 22.62 -33.12 29.01
CA GLN B 321 21.46 -32.59 28.23
C GLN B 321 21.86 -31.16 27.90
N THR B 322 21.79 -30.81 26.64
CA THR B 322 22.24 -29.49 26.18
C THR B 322 21.02 -28.75 25.69
N VAL B 323 20.80 -27.54 26.23
CA VAL B 323 19.73 -26.61 25.78
C VAL B 323 20.45 -25.39 25.20
N ASN B 324 20.21 -25.13 23.92
CA ASN B 324 20.79 -23.98 23.21
C ASN B 324 19.71 -22.91 23.07
N TYR B 325 19.81 -21.83 23.86
CA TYR B 325 19.01 -20.60 23.69
C TYR B 325 19.60 -19.79 22.55
N VAL B 326 18.92 -19.76 21.39
CA VAL B 326 19.32 -19.00 20.18
C VAL B 326 18.69 -17.61 20.20
N TYR B 327 19.46 -16.57 19.91
CA TYR B 327 19.04 -15.15 19.98
C TYR B 327 19.20 -14.51 18.61
N THR B 328 18.39 -13.48 18.30
CA THR B 328 18.60 -12.61 17.11
C THR B 328 19.41 -11.37 17.53
N ARG B 329 20.27 -10.90 16.63
CA ARG B 329 20.99 -9.61 16.75
C ARG B 329 19.94 -8.48 16.56
N ASN B 330 19.77 -7.64 17.59
CA ASN B 330 18.97 -6.40 17.48
C ASN B 330 19.51 -5.61 16.29
N GLN B 331 18.62 -5.18 15.39
CA GLN B 331 18.96 -4.27 14.26
C GLN B 331 18.46 -2.84 14.55
N GLY B 332 18.94 -1.89 13.74
CA GLY B 332 18.52 -0.49 13.80
C GLY B 332 18.52 0.10 12.41
N SER B 333 17.88 1.26 12.27
CA SER B 333 17.77 1.99 10.99
C SER B 333 18.23 3.44 11.14
N ILE B 334 18.95 3.90 10.13
CA ILE B 334 19.23 5.33 9.88
C ILE B 334 18.88 5.57 8.41
N ASP B 335 17.95 6.51 8.15
CA ASP B 335 17.65 7.00 6.78
C ASP B 335 18.03 8.48 6.71
N VAL B 336 18.66 8.86 5.58
CA VAL B 336 19.00 10.28 5.26
C VAL B 336 18.30 10.67 3.97
N THR B 337 17.52 11.74 4.01
CA THR B 337 16.67 12.17 2.88
C THR B 337 17.26 13.47 2.34
N TYR B 338 17.78 13.41 1.13
CA TYR B 338 18.36 14.57 0.43
C TYR B 338 17.19 15.30 -0.24
N ILE B 339 17.08 16.62 -0.06
CA ILE B 339 15.88 17.37 -0.51
C ILE B 339 16.34 18.68 -1.17
N ASP B 340 15.80 18.95 -2.37
CA ASP B 340 15.98 20.25 -3.07
C ASP B 340 14.81 21.17 -2.68
N GLN B 341 15.09 22.21 -1.88
CA GLN B 341 14.07 23.18 -1.38
C GLN B 341 13.32 23.76 -2.60
N THR B 342 14.03 24.42 -3.52
CA THR B 342 13.48 25.00 -4.77
C THR B 342 12.55 23.96 -5.43
N THR B 343 13.07 22.84 -5.97
CA THR B 343 12.23 21.78 -6.62
C THR B 343 11.13 21.31 -5.66
N GLY B 344 11.49 21.03 -4.40
CA GLY B 344 10.62 20.33 -3.45
C GLY B 344 10.47 18.88 -3.85
N GLN B 345 11.56 18.28 -4.34
CA GLN B 345 11.57 16.84 -4.72
C GLN B 345 12.63 16.14 -3.89
N THR B 346 12.42 14.83 -3.67
CA THR B 346 13.30 13.88 -2.94
C THR B 346 14.48 13.51 -3.85
N LEU B 347 15.53 14.33 -3.86
CA LEU B 347 16.74 14.12 -4.68
C LEU B 347 17.23 12.66 -4.57
N SER B 348 17.29 12.13 -3.35
CA SER B 348 17.67 10.73 -3.06
C SER B 348 17.38 10.42 -1.60
N LYS B 349 17.22 9.13 -1.27
CA LYS B 349 17.04 8.65 0.13
C LYS B 349 18.02 7.49 0.37
N LYS B 350 18.89 7.61 1.38
CA LYS B 350 19.77 6.49 1.86
C LYS B 350 19.09 5.84 3.07
N ASP B 351 18.73 4.55 2.93
CA ASP B 351 18.23 3.69 4.03
C ASP B 351 19.43 2.86 4.46
N LEU B 352 19.94 3.09 5.68
CA LEU B 352 21.01 2.28 6.31
C LEU B 352 20.39 1.41 7.40
N SER B 353 20.80 0.14 7.51
CA SER B 353 20.40 -0.74 8.65
C SER B 353 21.62 -1.53 9.11
N GLY B 354 21.71 -1.78 10.42
CA GLY B 354 22.73 -2.70 10.97
C GLY B 354 22.44 -3.13 12.39
N GLY B 355 23.35 -3.88 13.01
CA GLY B 355 23.19 -4.22 14.42
C GLY B 355 23.43 -3.01 15.32
N THR B 356 22.71 -2.96 16.45
CA THR B 356 22.65 -1.82 17.38
C THR B 356 24.02 -1.72 18.06
N GLY B 357 24.49 -0.49 18.26
CA GLY B 357 25.85 -0.18 18.75
C GLY B 357 26.89 -0.19 17.64
N ASP B 358 26.59 -0.72 16.44
CA ASP B 358 27.56 -0.77 15.30
C ASP B 358 27.54 0.60 14.58
N SER B 359 28.67 1.06 14.03
CA SER B 359 28.72 2.36 13.31
C SER B 359 28.16 2.13 11.92
N SER B 360 27.58 3.17 11.32
CA SER B 360 27.01 3.14 9.94
C SER B 360 28.12 3.23 8.90
N ASN B 361 29.22 3.92 9.24
CA ASN B 361 30.36 4.28 8.36
C ASN B 361 29.79 4.96 7.10
N TYR B 362 28.88 5.92 7.27
CA TYR B 362 28.30 6.75 6.18
C TYR B 362 28.49 8.22 6.59
N THR B 363 29.06 9.02 5.70
CA THR B 363 29.06 10.50 5.82
C THR B 363 28.12 11.04 4.75
N THR B 364 27.86 12.35 4.78
CA THR B 364 26.98 13.03 3.78
C THR B 364 27.84 13.57 2.63
N THR B 365 29.12 13.84 2.87
CA THR B 365 29.99 14.66 1.98
C THR B 365 30.01 14.13 0.54
N ASP B 366 30.11 12.82 0.31
CA ASP B 366 30.28 12.27 -1.07
C ASP B 366 29.00 12.53 -1.87
N THR B 367 27.83 12.45 -1.24
CA THR B 367 26.55 12.71 -1.94
C THR B 367 26.28 14.22 -1.97
N ILE B 368 26.93 15.00 -1.07
CA ILE B 368 26.87 16.49 -1.06
C ILE B 368 27.72 16.98 -2.25
N LYS B 369 28.96 16.49 -2.35
CA LYS B 369 29.88 16.79 -3.49
C LYS B 369 29.20 16.43 -4.83
N SER B 370 28.55 15.27 -4.94
CA SER B 370 27.75 14.87 -6.13
C SER B 370 26.90 16.07 -6.59
N TYR B 371 26.18 16.67 -5.63
CA TYR B 371 25.23 17.80 -5.85
C TYR B 371 25.93 19.15 -5.92
N THR B 372 26.94 19.47 -5.08
CA THR B 372 27.63 20.81 -5.05
C THR B 372 28.63 20.93 -6.23
N ASP B 373 28.91 19.82 -6.92
CA ASP B 373 29.55 19.79 -8.27
C ASP B 373 28.48 20.05 -9.34
N ALA B 374 27.28 19.46 -9.21
CA ALA B 374 26.15 19.66 -10.17
C ALA B 374 25.46 21.01 -9.91
N GLY B 375 26.13 21.96 -9.24
CA GLY B 375 25.69 23.37 -9.15
C GLY B 375 24.58 23.60 -8.15
N TYR B 376 24.47 22.77 -7.11
CA TYR B 376 23.54 22.99 -5.97
C TYR B 376 24.31 23.60 -4.80
N GLU B 377 23.59 24.23 -3.88
CA GLU B 377 24.19 24.95 -2.71
C GLU B 377 23.65 24.32 -1.43
N LEU B 378 24.54 23.94 -0.54
CA LEU B 378 24.13 23.26 0.70
C LEU B 378 23.52 24.35 1.58
N VAL B 379 22.25 24.16 1.96
CA VAL B 379 21.50 25.01 2.93
C VAL B 379 21.76 24.45 4.33
N SER B 380 21.40 23.18 4.59
CA SER B 380 21.44 22.55 5.94
C SER B 380 21.58 21.02 5.89
N ASP B 381 22.40 20.50 6.83
CA ASP B 381 22.75 19.07 7.07
C ASP B 381 22.77 18.83 8.59
N ASN B 382 21.80 18.06 9.09
CA ASN B 382 21.61 17.72 10.52
C ASN B 382 22.25 16.37 10.87
N TYR B 383 22.83 15.64 9.88
CA TYR B 383 23.51 14.32 10.05
C TYR B 383 24.69 14.52 10.97
N PRO B 384 24.74 13.76 12.07
CA PRO B 384 25.76 13.97 13.10
C PRO B 384 27.19 13.96 12.54
N SER B 385 27.89 15.07 12.75
CA SER B 385 29.24 15.27 12.21
C SER B 385 30.20 14.29 12.88
N GLY B 386 29.85 13.78 14.06
CA GLY B 386 30.66 12.78 14.76
C GLY B 386 30.43 11.37 14.23
N GLY B 387 29.52 11.19 13.28
CA GLY B 387 29.18 9.89 12.68
C GLY B 387 27.99 9.32 13.41
N THR B 388 27.35 8.28 12.87
CA THR B 388 26.17 7.63 13.48
C THR B 388 26.44 6.16 13.82
N VAL B 389 25.67 5.70 14.79
CA VAL B 389 25.64 4.29 15.24
C VAL B 389 24.16 3.88 15.25
N PHE B 390 23.84 2.70 14.74
CA PHE B 390 22.47 2.12 14.71
C PHE B 390 21.94 2.02 16.16
N THR B 391 20.63 2.21 16.37
CA THR B 391 19.98 2.14 17.70
C THR B 391 18.64 1.41 17.56
N ASP B 392 18.00 1.15 18.68
CA ASP B 392 16.65 0.54 18.69
C ASP B 392 15.60 1.53 18.15
N THR B 393 15.73 2.83 18.50
CA THR B 393 14.94 3.98 17.96
C THR B 393 15.48 4.36 16.56
N ALA B 394 14.60 4.50 15.57
CA ALA B 394 14.98 4.81 14.18
C ALA B 394 15.43 6.26 14.11
N GLN B 395 16.41 6.49 13.23
CA GLN B 395 17.10 7.77 13.10
C GLN B 395 16.73 8.32 11.73
N HIS B 396 16.22 9.56 11.70
CA HIS B 396 15.83 10.29 10.46
C HIS B 396 16.66 11.57 10.39
N TYR B 397 17.44 11.69 9.32
CA TYR B 397 18.27 12.90 9.07
C TYR B 397 17.79 13.47 7.73
N VAL B 398 18.04 14.75 7.51
CA VAL B 398 17.61 15.46 6.27
C VAL B 398 18.82 16.25 5.78
N VAL B 399 19.08 16.20 4.47
CA VAL B 399 20.07 17.12 3.83
C VAL B 399 19.30 18.07 2.90
N ASN B 400 19.43 19.36 3.19
CA ASN B 400 18.63 20.39 2.46
C ASN B 400 19.58 21.19 1.56
N LEU B 401 19.44 21.04 0.24
CA LEU B 401 20.20 21.83 -0.75
C LEU B 401 19.23 22.66 -1.57
N LYS B 402 19.73 23.71 -2.25
CA LYS B 402 18.93 24.58 -3.15
C LYS B 402 19.56 24.57 -4.54
N GLN B 403 18.76 24.82 -5.59
CA GLN B 403 19.24 25.13 -6.95
C GLN B 403 19.88 26.52 -6.94
N LYS B 404 21.22 26.56 -6.88
CA LYS B 404 22.08 27.78 -6.69
C LYS B 404 21.79 28.76 -7.83
N LEU B 405 21.65 30.04 -7.49
CA LEU B 405 21.44 31.12 -8.47
C LEU B 405 22.56 32.16 -8.29
N VAL B 406 23.22 32.54 -9.39
CA VAL B 406 24.33 33.54 -9.41
C VAL B 406 23.77 34.83 -10.06
N VAL B 407 23.70 35.93 -9.29
CA VAL B 407 23.16 37.27 -9.71
C VAL B 407 24.19 37.96 -10.60
N SER B 408 23.81 38.34 -11.83
CA SER B 408 24.65 39.12 -12.78
C SER B 408 23.92 40.43 -13.15
N SER B 409 24.50 41.20 -14.09
CA SER B 409 23.92 42.45 -14.63
C SER B 409 24.45 42.71 -16.05
N GLU B 410 23.60 42.52 -17.08
CA GLU B 410 23.86 42.78 -18.54
C GLU B 410 23.33 44.18 -18.94
N GLN B 411 24.16 44.99 -19.61
CA GLN B 411 23.84 46.38 -20.06
C GLN B 411 24.10 46.55 -21.56
N THR B 440 20.06 49.00 -18.04
CA THR B 440 20.75 47.88 -17.33
C THR B 440 19.71 46.91 -16.77
N ARG B 441 19.72 45.65 -17.23
CA ARG B 441 18.92 44.54 -16.62
C ARG B 441 19.82 43.81 -15.62
N SER B 442 19.24 42.85 -14.87
CA SER B 442 19.95 41.96 -13.91
C SER B 442 19.60 40.49 -14.25
N VAL B 443 20.55 39.73 -14.82
CA VAL B 443 20.38 38.32 -15.30
C VAL B 443 20.84 37.34 -14.21
N THR B 444 19.91 36.72 -13.48
CA THR B 444 20.20 35.73 -12.39
C THR B 444 20.22 34.32 -13.01
N THR B 445 21.40 33.70 -12.99
CA THR B 445 21.71 32.39 -13.63
C THR B 445 21.61 31.26 -12.62
N ASN B 446 20.67 30.35 -12.84
CA ASN B 446 20.61 29.04 -12.15
C ASN B 446 21.76 28.15 -12.63
N GLN B 447 22.45 27.45 -11.73
CA GLN B 447 23.61 26.61 -12.10
C GLN B 447 23.12 25.19 -12.48
N VAL B 448 21.99 24.71 -11.95
CA VAL B 448 21.49 23.31 -12.21
C VAL B 448 20.60 23.32 -13.45
N THR B 449 19.46 24.01 -13.36
CA THR B 449 18.46 24.16 -14.44
C THR B 449 19.08 25.03 -15.53
N GLY B 450 19.90 26.02 -15.15
CA GLY B 450 20.57 26.95 -16.09
C GLY B 450 19.68 28.10 -16.51
N GLU B 451 18.38 28.04 -16.17
CA GLU B 451 17.40 29.10 -16.49
C GLU B 451 18.02 30.43 -16.03
N LYS B 452 18.03 31.41 -16.94
CA LYS B 452 18.45 32.80 -16.66
C LYS B 452 17.18 33.63 -16.49
N THR B 453 17.10 34.40 -15.40
CA THR B 453 15.95 35.26 -15.06
C THR B 453 16.43 36.71 -15.11
N TYR B 454 16.39 37.31 -16.31
CA TYR B 454 16.83 38.71 -16.60
C TYR B 454 15.87 39.69 -15.92
N GLY B 455 16.40 40.77 -15.33
CA GLY B 455 15.62 41.80 -14.61
C GLY B 455 15.00 42.79 -15.57
N ASP B 456 14.41 43.88 -15.05
CA ASP B 456 13.74 44.95 -15.86
C ASP B 456 14.79 45.88 -16.47
N TRP B 457 14.68 46.23 -17.77
CA TRP B 457 15.63 47.12 -18.50
C TRP B 457 15.55 48.54 -17.93
N GLN B 458 16.44 48.89 -16.98
CA GLN B 458 16.45 50.20 -16.25
C GLN B 458 16.72 51.33 -17.26
N ALA B 459 15.96 52.43 -17.20
CA ALA B 459 16.08 53.65 -18.05
C ALA B 459 16.94 54.70 -17.33
CA CA C . 3.20 0.25 12.30
S SO4 D . -3.87 -9.81 -11.96
O1 SO4 D . -3.78 -11.04 -12.73
O2 SO4 D . -5.20 -9.27 -12.03
O3 SO4 D . -3.57 -10.09 -10.59
O4 SO4 D . -2.95 -8.80 -12.43
S SO4 E . -14.67 -1.09 -13.65
O1 SO4 E . -15.02 -0.44 -14.87
O2 SO4 E . -15.58 -2.21 -13.40
O3 SO4 E . -14.70 -0.12 -12.55
O4 SO4 E . -13.35 -1.60 -13.79
S SO4 F . -36.99 17.73 -12.73
O1 SO4 F . -37.65 18.64 -13.62
O2 SO4 F . -37.98 17.07 -11.90
O3 SO4 F . -36.30 16.73 -13.53
O4 SO4 F . -36.07 18.45 -11.90
S SO4 G . -62.64 106.05 -75.83
O1 SO4 G . -63.09 105.65 -77.13
O2 SO4 G . -62.55 107.49 -75.79
O3 SO4 G . -61.33 105.49 -75.53
O4 SO4 G . -63.60 105.59 -74.86
S SO4 H . 9.70 5.26 13.03
O1 SO4 H . 10.44 5.77 11.89
O2 SO4 H . 8.28 5.59 12.88
O3 SO4 H . 9.84 3.82 13.03
O4 SO4 H . 10.22 5.84 14.26
S SO4 I . -14.58 8.20 -5.04
O1 SO4 I . -14.63 9.64 -5.16
O2 SO4 I . -14.99 7.58 -6.28
O3 SO4 I . -15.46 7.79 -3.97
O4 SO4 I . -13.23 7.77 -4.72
CA CA J . 44.70 -58.39 21.05
S SO4 K . 18.15 -55.12 28.93
O1 SO4 K . 17.01 -54.35 28.53
O2 SO4 K . 17.78 -56.50 28.90
O3 SO4 K . 19.22 -54.93 28.01
O4 SO4 K . 18.61 -54.72 30.26
S SO4 L . 19.74 -40.98 29.70
O1 SO4 L . 18.86 -40.05 29.08
O2 SO4 L . 19.78 -42.17 28.87
O3 SO4 L . 19.25 -41.33 31.03
O4 SO4 L . 21.05 -40.39 29.84
S SO4 M . 38.92 -47.51 11.59
O1 SO4 M . 37.93 -46.47 11.41
O2 SO4 M . 38.26 -48.77 11.65
O3 SO4 M . 39.70 -47.28 12.79
O4 SO4 M . 39.83 -47.53 10.47
S SO4 N . 54.00 -48.55 29.30
O1 SO4 N . 53.19 -49.05 28.23
O2 SO4 N . 53.54 -47.23 29.70
O3 SO4 N . 53.92 -49.45 30.43
O4 SO4 N . 55.37 -48.46 28.87
S SO4 O . 26.76 -13.69 30.86
O1 SO4 O . 26.29 -12.77 29.86
O2 SO4 O . 25.85 -13.71 32.01
O3 SO4 O . 26.85 -15.02 30.28
O4 SO4 O . 28.08 -13.27 31.27
S SO4 P . 26.55 17.13 15.21
O1 SO4 P . 26.21 17.44 13.85
O2 SO4 P . 25.50 16.34 15.81
O3 SO4 P . 27.79 16.37 15.23
O4 SO4 P . 26.72 18.34 15.97
S SO4 Q . 17.80 3.80 21.64
O1 SO4 Q . 17.45 3.26 20.36
O2 SO4 Q . 17.87 5.24 21.57
O3 SO4 Q . 19.10 3.27 22.03
O4 SO4 Q . 16.81 3.40 22.61
S SO4 R . 39.75 -62.55 15.26
O1 SO4 R . 40.07 -61.40 14.45
O2 SO4 R . 38.61 -62.27 16.10
O3 SO4 R . 40.88 -62.90 16.09
O4 SO4 R . 39.43 -63.67 14.40
#